data_1VFO
#
_entry.id   1VFO
#
_cell.length_a   115.083
_cell.length_b   118.812
_cell.length_c   114.277
_cell.angle_alpha   90.00
_cell.angle_beta   90.00
_cell.angle_gamma   90.00
#
_symmetry.space_group_name_H-M   'P 21 21 21'
#
loop_
_entity.id
_entity.type
_entity.pdbx_description
1 polymer 'Neopullulanase 2'
2 branched Cycloheptakis-(1-4)-(alpha-D-glucopyranose)
3 branched 'Cyclic alpha-D-glucopyranose-(1-4)-beta-D-glucopyranose-(1-4)-alpha-D-glucopyranose-(1-4)-alpha-D-glucopyranose-(1-4)-alpha-D-glucopyranose-(1-4)-alpha-D-glucopyranose-(1-4)-alpha-D-glucopyranose'
4 non-polymer 'CALCIUM ION'
5 water water
#
_entity_poly.entity_id   1
_entity_poly.type   'polypeptide(L)'
_entity_poly.pdbx_seq_one_letter_code
;MLLEAIFHEAKGSYAYPISETQLRVRLRAKKGDVVRCEVLYADRYASPEEELAHALAGKAGSDERFDYFEALLECSTKRV
KYVFLLTGPQGEAVYFGETGFSAERSKAGVFQYAYIHRSEVFTTPEWAKEAVIYQIFPERFANGDPSNDPPGTEQWAKDA
RPRHDSFYGGDLKGVIDRLPYLEELGVTALYFTPIFASPSHHKYDTADYLAIDPQFGDLPTFRRLVDEAHRRGIKIILDA
VFNHAGDQFFAFRDVLQKGEQSRYKDWFFIEDFPVSKTSRTNYETFAVQVPAMPKLRTENPEVKEYLFDVARFWMEQGID
GWRLNVANEVDHAFWREFRRLVKSLNPDALIVGEIWHDASGWLMGDQFDSVMNYLFRESVIRFFATGEIHAERFDAELTR
ARMLYPEQAAQGLWNLLDSHNTERFLTSCGGNEAKFRLAVLFQMTYLGTPLIYYGDEIGMAGATDPDCRRPMIWEEKEQN
RGLFEFYKELIRLRHRLASLTRGNVRSWHADKQANLYAFVRTVQDQHVGVVLNNRGEKQTVLLQVPESGGKTWLDCLTGE
EVHGKQGQLKLTLRPYQGMILWNGR
;
_entity_poly.pdbx_strand_id   A,B
#
loop_
_chem_comp.id
_chem_comp.type
_chem_comp.name
_chem_comp.formula
BGC D-saccharide, beta linking beta-D-glucopyranose 'C6 H12 O6'
CA non-polymer 'CALCIUM ION' 'Ca 2'
GLC D-saccharide, alpha linking alpha-D-glucopyranose 'C6 H12 O6'
#
# COMPACT_ATOMS: atom_id res chain seq x y z
N MET A 1 18.81 -23.41 0.99
CA MET A 1 18.31 -22.27 1.80
C MET A 1 16.77 -22.24 1.86
N LEU A 2 16.24 -22.15 3.08
CA LEU A 2 14.80 -22.12 3.31
C LEU A 2 14.11 -21.05 2.47
N LEU A 3 13.67 -21.44 1.28
CA LEU A 3 13.02 -20.53 0.36
C LEU A 3 11.72 -19.91 0.86
N GLU A 4 11.01 -20.61 1.74
CA GLU A 4 9.77 -20.08 2.28
C GLU A 4 10.01 -18.84 3.14
N ALA A 5 11.27 -18.62 3.53
CA ALA A 5 11.59 -17.45 4.35
C ALA A 5 12.24 -16.29 3.58
N ILE A 6 12.06 -16.25 2.27
CA ILE A 6 12.65 -15.18 1.48
C ILE A 6 11.54 -14.25 1.02
N PHE A 7 11.65 -12.98 1.35
CA PHE A 7 10.63 -12.01 1.00
C PHE A 7 11.10 -10.81 0.24
N HIS A 8 10.17 -10.25 -0.53
CA HIS A 8 10.35 -9.04 -1.31
C HIS A 8 9.10 -8.80 -2.12
N GLU A 9 8.79 -7.52 -2.31
CA GLU A 9 7.64 -7.13 -3.10
C GLU A 9 8.02 -5.85 -3.84
N ALA A 10 7.66 -5.76 -5.11
CA ALA A 10 7.99 -4.60 -5.92
C ALA A 10 7.18 -3.36 -5.56
N LYS A 11 7.22 -3.00 -4.28
CA LYS A 11 6.51 -1.82 -3.80
C LYS A 11 6.69 -1.68 -2.29
N GLY A 12 6.15 -0.58 -1.76
CA GLY A 12 6.23 -0.32 -0.34
C GLY A 12 7.60 -0.05 0.24
N SER A 13 7.97 -0.83 1.26
CA SER A 13 9.24 -0.67 1.94
C SER A 13 10.34 -1.57 1.40
N TYR A 14 10.04 -2.28 0.33
CA TYR A 14 11.00 -3.20 -0.27
C TYR A 14 11.40 -2.78 -1.70
N ALA A 15 10.60 -1.89 -2.26
CA ALA A 15 10.86 -1.37 -3.60
C ALA A 15 10.31 0.05 -3.64
N TYR A 16 11.18 1.02 -3.92
CA TYR A 16 10.80 2.42 -4.01
C TYR A 16 11.95 3.27 -4.55
N PRO A 17 11.61 4.39 -5.21
CA PRO A 17 12.66 5.26 -5.77
C PRO A 17 13.19 6.27 -4.77
N ILE A 18 14.40 6.74 -5.02
CA ILE A 18 15.01 7.75 -4.18
C ILE A 18 15.39 8.89 -5.10
N SER A 19 14.89 8.83 -6.32
CA SER A 19 15.12 9.82 -7.37
C SER A 19 14.30 9.38 -8.58
N GLU A 20 14.14 10.28 -9.54
CA GLU A 20 13.35 9.93 -10.71
C GLU A 20 14.00 8.85 -11.58
N THR A 21 15.20 8.39 -11.20
CA THR A 21 15.89 7.38 -11.99
C THR A 21 16.54 6.25 -11.21
N GLN A 22 16.42 6.27 -9.89
CA GLN A 22 17.03 5.23 -9.06
C GLN A 22 16.04 4.54 -8.15
N LEU A 23 15.99 3.21 -8.23
CA LEU A 23 15.08 2.41 -7.42
C LEU A 23 15.86 1.63 -6.37
N ARG A 24 15.40 1.74 -5.12
CA ARG A 24 16.02 1.04 -4.01
C ARG A 24 15.25 -0.28 -3.80
N VAL A 25 15.97 -1.40 -3.73
CA VAL A 25 15.29 -2.68 -3.52
C VAL A 25 15.87 -3.39 -2.29
N ARG A 26 14.99 -3.94 -1.45
CA ARG A 26 15.42 -4.65 -0.26
C ARG A 26 14.86 -6.06 -0.26
N LEU A 27 15.61 -6.99 0.30
CA LEU A 27 15.18 -8.37 0.34
C LEU A 27 15.54 -8.92 1.70
N ARG A 28 14.64 -9.72 2.27
CA ARG A 28 14.93 -10.33 3.56
C ARG A 28 14.85 -11.84 3.43
N ALA A 29 15.61 -12.53 4.27
CA ALA A 29 15.66 -13.97 4.28
C ALA A 29 16.11 -14.42 5.68
N LYS A 30 15.86 -15.68 6.00
CA LYS A 30 16.23 -16.20 7.30
C LYS A 30 17.70 -15.89 7.59
N LYS A 31 17.94 -15.40 8.81
CA LYS A 31 19.28 -15.04 9.24
C LYS A 31 20.32 -16.14 9.01
N GLY A 32 21.35 -15.81 8.24
CA GLY A 32 22.42 -16.75 7.94
C GLY A 32 22.14 -17.77 6.85
N ASP A 33 20.98 -17.63 6.20
CA ASP A 33 20.57 -18.57 5.15
C ASP A 33 21.14 -18.20 3.80
N VAL A 34 21.29 -16.91 3.56
CA VAL A 34 21.79 -16.39 2.30
C VAL A 34 23.05 -15.58 2.56
N VAL A 35 24.11 -15.86 1.81
CA VAL A 35 25.39 -15.18 1.98
C VAL A 35 25.62 -14.08 0.94
N ARG A 36 25.06 -14.24 -0.25
CA ARG A 36 25.23 -13.26 -1.31
C ARG A 36 23.90 -13.01 -2.02
N CYS A 37 23.67 -11.77 -2.42
CA CYS A 37 22.45 -11.41 -3.10
C CYS A 37 22.72 -10.39 -4.20
N GLU A 38 22.44 -10.76 -5.46
CA GLU A 38 22.66 -9.84 -6.58
C GLU A 38 21.38 -9.56 -7.36
N VAL A 39 21.29 -8.37 -7.93
CA VAL A 39 20.11 -8.00 -8.69
C VAL A 39 20.40 -7.78 -10.16
N LEU A 40 19.88 -8.67 -10.99
CA LEU A 40 20.04 -8.62 -12.43
C LEU A 40 18.82 -7.86 -12.95
N TYR A 41 19.04 -6.76 -13.68
CA TYR A 41 17.92 -5.98 -14.16
C TYR A 41 18.11 -5.32 -15.52
N ALA A 42 17.03 -4.69 -16.01
CA ALA A 42 17.07 -4.01 -17.30
C ALA A 42 15.77 -3.23 -17.51
N ASP A 43 15.62 -2.62 -18.68
CA ASP A 43 14.42 -1.86 -18.98
C ASP A 43 13.28 -2.84 -19.28
N ARG A 44 12.06 -2.49 -18.88
CA ARG A 44 10.92 -3.37 -19.11
C ARG A 44 10.72 -3.81 -20.56
N TYR A 45 10.85 -2.88 -21.51
CA TYR A 45 10.67 -3.24 -22.91
C TYR A 45 11.95 -3.71 -23.60
N ALA A 46 13.05 -3.80 -22.85
CA ALA A 46 14.33 -4.23 -23.41
C ALA A 46 14.21 -5.62 -24.03
N SER A 47 14.84 -5.79 -25.19
CA SER A 47 14.84 -7.06 -25.92
C SER A 47 15.44 -8.19 -25.09
N PRO A 48 14.95 -9.43 -25.28
CA PRO A 48 15.44 -10.59 -24.55
C PRO A 48 16.90 -10.90 -24.84
N GLU A 49 17.40 -10.33 -25.94
CA GLU A 49 18.78 -10.56 -26.35
C GLU A 49 19.76 -9.53 -25.79
N GLU A 50 19.22 -8.48 -25.16
CA GLU A 50 20.07 -7.43 -24.58
C GLU A 50 20.75 -7.87 -23.29
N GLU A 51 21.78 -7.14 -22.89
CA GLU A 51 22.54 -7.44 -21.67
C GLU A 51 21.89 -6.97 -20.37
N LEU A 52 21.78 -7.90 -19.42
CA LEU A 52 21.19 -7.61 -18.10
C LEU A 52 22.17 -6.89 -17.18
N ALA A 53 21.80 -5.71 -16.72
CA ALA A 53 22.64 -4.93 -15.81
C ALA A 53 22.71 -5.65 -14.47
N HIS A 54 23.79 -5.45 -13.74
CA HIS A 54 23.95 -6.09 -12.43
C HIS A 54 23.92 -5.08 -11.30
N ALA A 55 23.71 -5.59 -10.10
CA ALA A 55 23.67 -4.76 -8.90
C ALA A 55 23.88 -5.67 -7.71
N LEU A 56 24.86 -5.35 -6.87
CA LEU A 56 25.15 -6.16 -5.69
C LEU A 56 24.36 -5.66 -4.48
N ALA A 57 23.57 -6.55 -3.89
CA ALA A 57 22.78 -6.20 -2.73
C ALA A 57 23.60 -6.37 -1.46
N GLY A 58 23.81 -5.28 -0.75
CA GLY A 58 24.57 -5.36 0.47
C GLY A 58 23.71 -5.80 1.64
N LYS A 59 24.34 -6.42 2.61
CA LYS A 59 23.68 -6.89 3.81
C LYS A 59 23.48 -5.66 4.69
N ALA A 60 22.38 -4.96 4.48
CA ALA A 60 22.05 -3.74 5.22
C ALA A 60 21.83 -3.85 6.74
N GLY A 61 21.59 -5.06 7.23
CA GLY A 61 21.38 -5.23 8.67
C GLY A 61 20.74 -6.57 8.95
N SER A 62 20.64 -6.96 10.22
CA SER A 62 20.02 -8.23 10.54
C SER A 62 19.46 -8.25 11.95
N ASP A 63 18.18 -8.55 12.08
CA ASP A 63 17.55 -8.58 13.38
C ASP A 63 17.56 -9.96 14.05
N GLU A 64 16.57 -10.21 14.90
CA GLU A 64 16.42 -11.45 15.64
C GLU A 64 16.36 -12.68 14.72
N ARG A 65 15.57 -12.60 13.67
CA ARG A 65 15.41 -13.74 12.77
C ARG A 65 15.80 -13.53 11.32
N PHE A 66 15.92 -12.28 10.88
CA PHE A 66 16.23 -12.03 9.48
C PHE A 66 17.56 -11.39 9.12
N ASP A 67 17.84 -11.44 7.82
CA ASP A 67 19.01 -10.82 7.21
C ASP A 67 18.35 -9.89 6.20
N TYR A 68 18.79 -8.63 6.16
CA TYR A 68 18.22 -7.73 5.18
C TYR A 68 19.30 -7.36 4.21
N PHE A 69 18.98 -7.48 2.93
CA PHE A 69 19.90 -7.16 1.85
C PHE A 69 19.32 -5.97 1.11
N GLU A 70 20.17 -5.02 0.74
CA GLU A 70 19.68 -3.82 0.06
C GLU A 70 20.57 -3.47 -1.12
N ALA A 71 19.97 -2.99 -2.21
CA ALA A 71 20.75 -2.61 -3.38
C ALA A 71 20.11 -1.45 -4.13
N LEU A 72 20.91 -0.78 -4.94
CA LEU A 72 20.43 0.37 -5.69
C LEU A 72 20.40 0.06 -7.19
N LEU A 73 19.30 0.43 -7.85
CA LEU A 73 19.13 0.18 -9.27
C LEU A 73 19.11 1.47 -10.07
N GLU A 74 19.99 1.56 -11.07
CA GLU A 74 20.05 2.74 -11.92
C GLU A 74 19.00 2.53 -13.02
N CYS A 75 18.00 3.40 -13.10
CA CYS A 75 16.93 3.25 -14.09
C CYS A 75 16.65 4.47 -14.97
N SER A 76 17.59 4.78 -15.85
CA SER A 76 17.45 5.93 -16.75
C SER A 76 16.11 5.94 -17.49
N THR A 77 15.61 4.75 -17.77
CA THR A 77 14.33 4.62 -18.47
C THR A 77 13.17 4.98 -17.56
N LYS A 78 13.39 4.80 -16.25
CA LYS A 78 12.38 5.07 -15.23
C LYS A 78 11.39 3.90 -15.22
N ARG A 79 11.82 2.77 -15.78
CA ARG A 79 11.04 1.55 -15.87
C ARG A 79 12.07 0.44 -15.72
N VAL A 80 11.73 -0.61 -14.96
CA VAL A 80 12.69 -1.68 -14.75
C VAL A 80 12.08 -3.02 -14.40
N LYS A 81 12.78 -4.06 -14.82
CA LYS A 81 12.40 -5.44 -14.57
C LYS A 81 13.66 -6.01 -13.92
N TYR A 82 13.50 -6.76 -12.84
CA TYR A 82 14.66 -7.32 -12.16
C TYR A 82 14.41 -8.70 -11.56
N VAL A 83 15.49 -9.44 -11.31
CA VAL A 83 15.42 -10.78 -10.74
C VAL A 83 16.60 -10.96 -9.79
N PHE A 84 16.39 -11.65 -8.66
CA PHE A 84 17.47 -11.85 -7.72
C PHE A 84 18.21 -13.16 -7.94
N LEU A 85 19.50 -13.16 -7.57
CA LEU A 85 20.36 -14.33 -7.68
C LEU A 85 20.94 -14.54 -6.28
N LEU A 86 20.33 -15.46 -5.52
CA LEU A 86 20.77 -15.74 -4.16
C LEU A 86 21.66 -16.96 -4.06
N THR A 87 22.78 -16.80 -3.36
CA THR A 87 23.74 -17.88 -3.17
C THR A 87 23.79 -18.26 -1.70
N GLY A 88 23.73 -19.56 -1.43
CA GLY A 88 23.75 -20.04 -0.06
C GLY A 88 25.13 -20.16 0.56
N PRO A 89 25.21 -20.67 1.80
CA PRO A 89 26.47 -20.84 2.53
C PRO A 89 27.34 -21.91 1.86
N GLN A 90 26.82 -22.53 0.81
CA GLN A 90 27.55 -23.58 0.13
C GLN A 90 27.36 -23.54 -1.39
N GLY A 91 27.71 -22.41 -1.97
CA GLY A 91 27.61 -22.24 -3.41
C GLY A 91 26.24 -22.34 -4.04
N GLU A 92 25.31 -23.03 -3.40
CA GLU A 92 23.98 -23.17 -3.97
C GLU A 92 23.43 -21.83 -4.41
N ALA A 93 23.02 -21.74 -5.67
CA ALA A 93 22.47 -20.52 -6.22
C ALA A 93 21.02 -20.77 -6.58
N VAL A 94 20.29 -19.69 -6.85
CA VAL A 94 18.88 -19.79 -7.22
C VAL A 94 18.38 -18.41 -7.62
N TYR A 95 17.50 -18.37 -8.62
CA TYR A 95 16.96 -17.10 -9.07
C TYR A 95 15.62 -16.88 -8.40
N PHE A 96 15.32 -15.62 -8.08
CA PHE A 96 14.09 -15.26 -7.42
C PHE A 96 13.38 -14.18 -8.20
N GLY A 97 12.19 -14.48 -8.69
CA GLY A 97 11.42 -13.52 -9.47
C GLY A 97 9.95 -13.52 -9.12
N GLU A 98 9.16 -12.80 -9.88
CA GLU A 98 7.74 -12.76 -9.58
C GLU A 98 7.06 -14.14 -9.76
N THR A 99 7.68 -15.04 -10.49
CA THR A 99 7.07 -16.36 -10.69
C THR A 99 7.37 -17.31 -9.54
N GLY A 100 8.58 -17.24 -9.01
CA GLY A 100 8.93 -18.13 -7.91
C GLY A 100 10.41 -18.39 -7.92
N PHE A 101 10.82 -19.55 -7.42
CA PHE A 101 12.22 -19.88 -7.39
C PHE A 101 12.58 -20.95 -8.42
N SER A 102 13.63 -20.66 -9.18
CA SER A 102 14.09 -21.58 -10.19
C SER A 102 15.58 -21.51 -10.31
N ALA A 103 16.19 -22.61 -10.76
CA ALA A 103 17.62 -22.62 -10.93
C ALA A 103 17.91 -22.00 -12.31
N GLU A 104 16.86 -21.78 -13.10
CA GLU A 104 17.00 -21.18 -14.43
C GLU A 104 16.37 -19.78 -14.41
N ARG A 105 17.21 -18.76 -14.52
CA ARG A 105 16.72 -17.38 -14.52
C ARG A 105 15.37 -17.20 -15.20
N SER A 106 15.19 -17.89 -16.33
CA SER A 106 13.95 -17.79 -17.08
C SER A 106 12.70 -18.18 -16.28
N LYS A 107 12.71 -19.39 -15.73
CA LYS A 107 11.57 -19.91 -14.98
C LYS A 107 11.20 -19.17 -13.69
N ALA A 108 12.13 -18.35 -13.19
CA ALA A 108 11.88 -17.61 -11.96
C ALA A 108 11.05 -16.34 -12.19
N GLY A 109 11.03 -15.87 -13.43
CA GLY A 109 10.27 -14.67 -13.73
C GLY A 109 11.10 -13.43 -13.45
N VAL A 110 10.42 -12.29 -13.28
CA VAL A 110 11.14 -11.05 -13.01
C VAL A 110 10.22 -9.92 -12.50
N PHE A 111 10.53 -9.42 -11.30
CA PHE A 111 9.74 -8.35 -10.69
C PHE A 111 9.71 -7.09 -11.56
N GLN A 112 8.64 -6.31 -11.47
CA GLN A 112 8.53 -5.10 -12.27
C GLN A 112 8.04 -3.85 -11.53
N TYR A 113 8.73 -2.74 -11.78
CA TYR A 113 8.36 -1.44 -11.23
C TYR A 113 8.04 -0.64 -12.50
N ALA A 114 6.79 -0.80 -12.94
CA ALA A 114 6.24 -0.17 -14.14
C ALA A 114 6.76 1.19 -14.54
N TYR A 115 6.83 2.11 -13.58
CA TYR A 115 7.28 3.48 -13.88
C TYR A 115 7.56 4.28 -12.62
N ILE A 116 8.51 5.20 -12.71
CA ILE A 116 8.86 6.04 -11.59
C ILE A 116 8.46 7.48 -11.91
N HIS A 117 7.25 7.86 -11.50
CA HIS A 117 6.76 9.22 -11.71
C HIS A 117 7.50 10.12 -10.74
N ARG A 118 7.92 11.31 -11.20
CA ARG A 118 8.65 12.20 -10.33
C ARG A 118 7.82 12.70 -9.16
N SER A 119 6.51 12.80 -9.36
CA SER A 119 5.65 13.28 -8.29
C SER A 119 5.46 12.22 -7.20
N GLU A 120 5.97 11.03 -7.42
CA GLU A 120 5.83 9.96 -6.44
C GLU A 120 7.14 9.61 -5.74
N VAL A 121 8.16 10.45 -5.90
CA VAL A 121 9.42 10.20 -5.21
C VAL A 121 9.23 10.78 -3.82
N PHE A 122 9.27 9.91 -2.81
CA PHE A 122 9.09 10.31 -1.41
C PHE A 122 10.02 11.48 -1.07
N THR A 123 9.45 12.66 -0.84
CA THR A 123 10.23 13.87 -0.53
C THR A 123 9.82 14.56 0.78
N THR A 124 10.78 14.77 1.66
CA THR A 124 10.51 15.42 2.94
C THR A 124 11.37 16.67 3.12
N PRO A 125 10.88 17.64 3.91
CA PRO A 125 11.62 18.88 4.15
C PRO A 125 13.08 18.73 4.52
N GLU A 126 13.91 19.61 3.95
CA GLU A 126 15.35 19.59 4.18
C GLU A 126 15.78 20.01 5.59
N TRP A 127 14.99 20.88 6.22
CA TRP A 127 15.34 21.34 7.55
C TRP A 127 15.09 20.26 8.57
N ALA A 128 14.04 19.46 8.33
CA ALA A 128 13.69 18.40 9.26
C ALA A 128 14.67 17.23 9.20
N LYS A 129 15.60 17.27 8.25
CA LYS A 129 16.57 16.18 8.14
C LYS A 129 17.65 16.25 9.19
N GLU A 130 17.91 17.44 9.71
CA GLU A 130 18.94 17.61 10.70
C GLU A 130 18.47 18.43 11.89
N ALA A 131 17.30 18.12 12.39
CA ALA A 131 16.74 18.87 13.51
C ALA A 131 16.76 18.20 14.87
N VAL A 132 16.69 19.05 15.89
CA VAL A 132 16.63 18.62 17.28
C VAL A 132 15.41 19.38 17.78
N ILE A 133 14.33 18.67 18.06
CA ILE A 133 13.10 19.30 18.50
C ILE A 133 12.87 19.25 20.01
N TYR A 134 12.24 20.31 20.51
CA TYR A 134 11.95 20.43 21.94
C TYR A 134 10.43 20.47 22.12
N GLN A 135 9.89 19.56 22.92
CA GLN A 135 8.46 19.53 23.14
C GLN A 135 8.02 20.40 24.32
N ILE A 136 7.18 21.40 24.02
CA ILE A 136 6.63 22.33 25.02
C ILE A 136 5.17 21.99 25.34
N PHE A 137 4.87 21.76 26.62
CA PHE A 137 3.50 21.51 27.07
C PHE A 137 3.23 22.87 27.73
N PRO A 138 2.69 23.82 26.96
CA PRO A 138 2.35 25.19 27.34
C PRO A 138 1.96 25.53 28.78
N GLU A 139 0.92 24.88 29.29
CA GLU A 139 0.43 25.15 30.65
C GLU A 139 1.49 24.94 31.75
N ARG A 140 2.55 24.20 31.44
CA ARG A 140 3.59 23.88 32.42
C ARG A 140 5.02 24.35 32.16
N PHE A 141 5.24 25.09 31.07
CA PHE A 141 6.60 25.51 30.77
C PHE A 141 7.01 26.84 31.38
N ALA A 142 6.23 27.89 31.16
CA ALA A 142 6.58 29.22 31.69
C ALA A 142 5.41 30.18 31.78
N ASN A 143 5.20 30.73 32.98
CA ASN A 143 4.12 31.69 33.17
C ASN A 143 4.67 33.11 32.98
N GLY A 144 4.73 33.56 31.74
CA GLY A 144 5.27 34.89 31.46
C GLY A 144 4.27 36.01 31.67
N ASP A 145 3.00 35.64 31.76
CA ASP A 145 1.94 36.60 31.95
C ASP A 145 1.00 36.13 33.06
N PRO A 146 1.20 36.65 34.28
CA PRO A 146 0.41 36.34 35.47
C PRO A 146 -1.06 36.77 35.34
N SER A 147 -1.32 37.77 34.50
CA SER A 147 -2.67 38.29 34.33
C SER A 147 -3.65 37.37 33.62
N ASN A 148 -3.16 36.39 32.88
CA ASN A 148 -4.07 35.50 32.16
C ASN A 148 -4.22 34.13 32.81
N ASP A 149 -3.75 34.00 34.05
CA ASP A 149 -3.84 32.73 34.76
C ASP A 149 -5.26 32.23 34.99
N PRO A 150 -5.46 30.91 34.95
CA PRO A 150 -6.80 30.37 35.18
C PRO A 150 -7.12 30.58 36.64
N PRO A 151 -8.39 30.43 37.03
CA PRO A 151 -8.68 30.64 38.46
C PRO A 151 -8.16 29.39 39.16
N GLY A 152 -7.72 29.54 40.40
CA GLY A 152 -7.25 28.38 41.14
C GLY A 152 -5.88 27.86 40.73
N THR A 153 -5.01 28.75 40.30
CA THR A 153 -3.66 28.36 39.90
C THR A 153 -2.89 28.00 41.17
N GLU A 154 -2.12 26.92 41.14
CA GLU A 154 -1.33 26.51 42.31
C GLU A 154 0.08 27.08 42.22
N GLN A 155 0.85 26.91 43.30
CA GLN A 155 2.22 27.42 43.37
C GLN A 155 3.14 26.84 42.31
N TRP A 156 4.04 27.69 41.80
CA TRP A 156 5.01 27.24 40.83
C TRP A 156 6.28 26.92 41.59
N ALA A 157 6.28 25.76 42.25
CA ALA A 157 7.41 25.30 43.05
C ALA A 157 7.87 23.92 42.57
N LYS A 158 9.03 23.49 43.04
CA LYS A 158 9.60 22.19 42.67
C LYS A 158 8.89 21.01 43.33
N ASP A 159 8.30 21.23 44.50
CA ASP A 159 7.61 20.15 45.19
C ASP A 159 6.15 20.04 44.76
N ALA A 160 5.80 20.73 43.68
CA ALA A 160 4.44 20.70 43.18
C ALA A 160 4.09 19.33 42.59
N ARG A 161 2.88 18.85 42.85
CA ARG A 161 2.45 17.55 42.34
C ARG A 161 1.03 17.67 41.75
N PRO A 162 0.96 18.00 40.46
CA PRO A 162 -0.28 18.18 39.70
C PRO A 162 -1.37 17.11 39.79
N ARG A 163 -2.61 17.57 39.62
CA ARG A 163 -3.79 16.72 39.61
C ARG A 163 -4.31 16.74 38.17
N HIS A 164 -5.28 15.89 37.85
CA HIS A 164 -5.80 15.86 36.49
C HIS A 164 -6.42 17.19 36.09
N ASP A 165 -6.72 18.03 37.06
CA ASP A 165 -7.35 19.32 36.78
C ASP A 165 -6.60 20.58 37.20
N SER A 166 -5.40 20.42 37.73
CA SER A 166 -4.60 21.55 38.17
C SER A 166 -4.20 22.49 37.03
N PHE A 167 -3.93 23.74 37.41
CA PHE A 167 -3.50 24.81 36.50
C PHE A 167 -2.33 25.52 37.18
N TYR A 168 -1.33 25.91 36.40
CA TYR A 168 -0.16 26.59 36.96
C TYR A 168 0.15 27.95 36.34
N GLY A 169 -0.45 28.23 35.19
CA GLY A 169 -0.23 29.52 34.55
C GLY A 169 0.62 29.60 33.30
N GLY A 170 1.15 28.47 32.84
CA GLY A 170 1.97 28.48 31.65
C GLY A 170 1.30 29.15 30.46
N ASP A 171 2.04 30.00 29.76
CA ASP A 171 1.50 30.70 28.59
C ASP A 171 2.56 30.93 27.50
N LEU A 172 2.12 31.48 26.38
CA LEU A 172 3.01 31.76 25.26
C LEU A 172 4.04 32.85 25.60
N LYS A 173 3.62 33.87 26.36
CA LYS A 173 4.53 34.93 26.74
C LYS A 173 5.73 34.30 27.48
N GLY A 174 5.43 33.31 28.31
CA GLY A 174 6.49 32.63 29.03
C GLY A 174 7.46 31.98 28.06
N VAL A 175 6.92 31.37 27.01
CA VAL A 175 7.77 30.74 26.02
C VAL A 175 8.69 31.82 25.49
N ILE A 176 8.12 32.84 24.85
CA ILE A 176 8.90 33.95 24.29
C ILE A 176 10.04 34.38 25.22
N ASP A 177 9.74 34.60 26.50
CA ASP A 177 10.76 35.00 27.46
C ASP A 177 11.88 33.96 27.56
N ARG A 178 11.54 32.70 27.34
CA ARG A 178 12.51 31.62 27.44
C ARG A 178 13.30 31.27 26.19
N LEU A 179 13.01 31.96 25.09
CA LEU A 179 13.73 31.68 23.86
C LEU A 179 15.25 31.69 24.02
N PRO A 180 15.79 32.56 24.91
CA PRO A 180 17.26 32.55 25.05
C PRO A 180 17.73 31.19 25.55
N TYR A 181 17.00 30.65 26.53
CA TYR A 181 17.32 29.34 27.12
C TYR A 181 17.25 28.26 26.05
N LEU A 182 16.14 28.26 25.31
CA LEU A 182 15.94 27.31 24.23
C LEU A 182 17.06 27.43 23.19
N GLU A 183 17.43 28.65 22.83
CA GLU A 183 18.48 28.85 21.85
C GLU A 183 19.85 28.44 22.41
N GLU A 184 20.12 28.77 23.67
CA GLU A 184 21.40 28.40 24.27
C GLU A 184 21.56 26.89 24.18
N LEU A 185 20.48 26.20 24.52
CA LEU A 185 20.41 24.75 24.50
C LEU A 185 20.69 24.21 23.12
N GLY A 186 20.23 24.92 22.08
CA GLY A 186 20.48 24.48 20.71
C GLY A 186 19.38 23.80 19.94
N VAL A 187 18.15 23.87 20.42
CA VAL A 187 17.04 23.25 19.73
C VAL A 187 16.75 24.03 18.46
N THR A 188 16.26 23.36 17.41
CA THR A 188 16.01 24.04 16.14
C THR A 188 14.53 24.09 15.79
N ALA A 189 13.71 23.53 16.66
CA ALA A 189 12.28 23.54 16.45
C ALA A 189 11.59 23.25 17.78
N LEU A 190 10.35 23.71 17.90
CA LEU A 190 9.59 23.50 19.12
C LEU A 190 8.30 22.83 18.74
N TYR A 191 7.98 21.70 19.37
CA TYR A 191 6.70 21.04 19.12
C TYR A 191 5.80 21.45 20.29
N PHE A 192 4.65 22.02 19.97
CA PHE A 192 3.69 22.45 21.00
C PHE A 192 2.54 21.45 21.04
N THR A 193 1.99 21.21 22.23
CA THR A 193 0.82 20.34 22.30
C THR A 193 -0.33 21.29 21.92
N PRO A 194 -1.59 20.86 22.03
CA PRO A 194 -2.65 21.81 21.65
C PRO A 194 -2.62 23.15 22.38
N ILE A 195 -2.77 24.22 21.62
CA ILE A 195 -2.78 25.57 22.20
C ILE A 195 -4.00 26.38 21.77
N PHE A 196 -5.05 25.68 21.35
CA PHE A 196 -6.27 26.32 20.91
C PHE A 196 -7.31 26.28 22.02
N ALA A 197 -8.24 27.24 21.99
CA ALA A 197 -9.31 27.36 22.98
C ALA A 197 -9.95 26.04 23.41
N SER A 198 -9.89 25.77 24.71
CA SER A 198 -10.46 24.57 25.28
C SER A 198 -10.49 24.74 26.80
N PRO A 199 -11.48 24.15 27.48
CA PRO A 199 -11.54 24.30 28.93
C PRO A 199 -10.50 23.59 29.80
N SER A 200 -9.99 22.44 29.35
CA SER A 200 -9.00 21.68 30.12
C SER A 200 -7.59 22.26 30.17
N HIS A 201 -6.68 21.54 30.83
CA HIS A 201 -5.31 21.98 30.94
C HIS A 201 -4.43 21.39 29.85
N HIS A 202 -4.96 20.36 29.17
CA HIS A 202 -4.24 19.71 28.07
C HIS A 202 -4.76 20.26 26.74
N LYS A 203 -6.03 20.64 26.76
CA LYS A 203 -6.70 21.25 25.60
C LYS A 203 -6.84 20.43 24.32
N TYR A 204 -6.98 19.11 24.47
CA TYR A 204 -7.14 18.21 23.33
C TYR A 204 -8.64 18.13 23.05
N ASP A 205 -9.43 18.85 23.84
CA ASP A 205 -10.88 18.87 23.64
C ASP A 205 -11.25 20.25 23.11
N THR A 206 -10.79 20.49 21.89
CA THR A 206 -10.98 21.74 21.16
C THR A 206 -12.35 22.41 21.22
N ALA A 207 -12.37 23.68 21.63
CA ALA A 207 -13.61 24.46 21.72
C ALA A 207 -13.68 25.43 20.54
N ASP A 208 -12.50 25.87 20.08
CA ASP A 208 -12.39 26.79 18.95
C ASP A 208 -11.03 26.68 18.25
N TYR A 209 -11.02 25.98 17.12
CA TYR A 209 -9.81 25.78 16.32
C TYR A 209 -9.23 27.04 15.72
N LEU A 210 -9.89 28.17 15.93
CA LEU A 210 -9.39 29.41 15.34
C LEU A 210 -8.92 30.46 16.33
N ALA A 211 -8.73 30.07 17.59
CA ALA A 211 -8.27 31.04 18.59
C ALA A 211 -7.30 30.48 19.61
N ILE A 212 -6.15 31.13 19.78
CA ILE A 212 -5.22 30.67 20.81
C ILE A 212 -6.04 30.74 22.08
N ASP A 213 -5.86 29.79 22.99
CA ASP A 213 -6.63 29.81 24.23
C ASP A 213 -6.26 31.06 25.06
N PRO A 214 -7.28 31.73 25.65
CA PRO A 214 -7.12 32.94 26.47
C PRO A 214 -6.04 32.88 27.55
N GLN A 215 -5.90 31.74 28.22
CA GLN A 215 -4.89 31.63 29.26
C GLN A 215 -3.50 31.46 28.67
N PHE A 216 -3.41 31.28 27.35
CA PHE A 216 -2.13 31.14 26.65
C PHE A 216 -1.75 32.41 25.87
N GLY A 217 -2.75 33.24 25.56
CA GLY A 217 -2.48 34.46 24.84
C GLY A 217 -3.49 34.82 23.78
N ASP A 218 -3.00 35.45 22.71
CA ASP A 218 -3.82 35.85 21.57
C ASP A 218 -3.02 35.75 20.27
N LEU A 219 -3.69 35.99 19.13
CA LEU A 219 -3.01 35.90 17.85
C LEU A 219 -1.74 36.75 17.80
N PRO A 220 -1.81 38.01 18.28
CA PRO A 220 -0.61 38.86 18.26
C PRO A 220 0.55 38.22 19.02
N THR A 221 0.30 37.81 20.25
CA THR A 221 1.32 37.17 21.06
C THR A 221 1.88 35.98 20.29
N PHE A 222 1.00 35.15 19.74
CA PHE A 222 1.43 33.98 18.98
C PHE A 222 2.30 34.37 17.80
N ARG A 223 1.80 35.30 16.99
CA ARG A 223 2.56 35.79 15.83
C ARG A 223 3.93 36.23 16.31
N ARG A 224 3.94 36.92 17.46
CA ARG A 224 5.16 37.41 18.06
C ARG A 224 6.12 36.28 18.37
N LEU A 225 5.60 35.21 18.95
CA LEU A 225 6.43 34.06 19.30
C LEU A 225 7.01 33.44 18.03
N VAL A 226 6.15 33.23 17.03
CA VAL A 226 6.61 32.64 15.77
C VAL A 226 7.81 33.42 15.24
N ASP A 227 7.71 34.75 15.25
CA ASP A 227 8.80 35.60 14.78
C ASP A 227 10.03 35.56 15.65
N GLU A 228 9.83 35.75 16.94
CA GLU A 228 10.95 35.73 17.88
C GLU A 228 11.72 34.42 17.82
N ALA A 229 10.98 33.34 17.60
CA ALA A 229 11.58 32.02 17.50
C ALA A 229 12.35 31.89 16.18
N HIS A 230 11.70 32.28 15.08
CA HIS A 230 12.35 32.20 13.78
C HIS A 230 13.70 32.90 13.76
N ARG A 231 13.75 34.18 14.14
CA ARG A 231 15.02 34.90 14.13
C ARG A 231 16.09 34.27 15.02
N ARG A 232 15.74 33.18 15.67
CA ARG A 232 16.67 32.47 16.53
C ARG A 232 16.91 31.08 15.98
N GLY A 233 16.45 30.84 14.75
CA GLY A 233 16.61 29.56 14.11
C GLY A 233 15.74 28.45 14.70
N ILE A 234 14.62 28.82 15.31
CA ILE A 234 13.74 27.88 15.94
C ILE A 234 12.39 27.86 15.26
N LYS A 235 12.02 26.72 14.68
CA LYS A 235 10.75 26.60 14.00
C LYS A 235 9.64 26.23 14.96
N ILE A 236 8.41 26.32 14.47
CA ILE A 236 7.20 26.06 15.25
C ILE A 236 6.28 24.97 14.67
N ILE A 237 6.06 23.88 15.42
CA ILE A 237 5.13 22.82 14.95
C ILE A 237 3.95 22.77 15.90
N LEU A 238 2.74 22.77 15.35
CA LEU A 238 1.54 22.72 16.19
C LEU A 238 0.83 21.37 16.14
N ASP A 239 0.08 21.10 17.20
CA ASP A 239 -0.65 19.86 17.34
C ASP A 239 -2.05 19.94 16.72
N ALA A 240 -2.25 19.21 15.62
CA ALA A 240 -3.55 19.18 14.98
C ALA A 240 -4.37 18.08 15.62
N VAL A 241 -5.53 18.44 16.16
CA VAL A 241 -6.42 17.47 16.78
C VAL A 241 -7.63 17.45 15.83
N PHE A 242 -7.49 16.72 14.73
CA PHE A 242 -8.53 16.62 13.72
C PHE A 242 -9.44 15.41 13.83
N ASN A 243 -9.09 14.46 14.68
CA ASN A 243 -9.91 13.27 14.78
C ASN A 243 -11.19 13.58 15.53
N HIS A 244 -11.07 14.41 16.55
CA HIS A 244 -12.22 14.76 17.36
C HIS A 244 -12.16 16.21 17.78
N ALA A 245 -13.33 16.73 18.15
CA ALA A 245 -13.47 18.09 18.61
C ALA A 245 -13.88 18.01 20.07
N GLY A 246 -13.89 19.16 20.75
CA GLY A 246 -14.32 19.21 22.14
C GLY A 246 -15.82 19.48 22.13
N ASP A 247 -16.51 19.17 23.22
CA ASP A 247 -17.95 19.41 23.23
C ASP A 247 -18.32 20.90 23.25
N GLN A 248 -17.32 21.78 23.19
CA GLN A 248 -17.54 23.21 23.18
C GLN A 248 -17.43 23.77 21.76
N PHE A 249 -16.94 22.92 20.85
CA PHE A 249 -16.80 23.29 19.45
C PHE A 249 -18.17 23.83 19.01
N PHE A 250 -18.19 24.97 18.32
CA PHE A 250 -19.47 25.53 17.91
C PHE A 250 -20.42 24.51 17.28
N ALA A 251 -19.94 23.78 16.28
CA ALA A 251 -20.78 22.80 15.60
C ALA A 251 -21.41 21.79 16.55
N PHE A 252 -20.66 21.32 17.54
CA PHE A 252 -21.27 20.35 18.43
C PHE A 252 -22.40 21.00 19.20
N ARG A 253 -22.10 22.13 19.82
CA ARG A 253 -23.09 22.88 20.60
C ARG A 253 -24.37 23.14 19.80
N ASP A 254 -24.23 23.49 18.51
CA ASP A 254 -25.41 23.74 17.70
C ASP A 254 -26.29 22.51 17.65
N VAL A 255 -25.66 21.34 17.66
CA VAL A 255 -26.41 20.09 17.63
C VAL A 255 -27.02 19.91 19.00
N LEU A 256 -26.21 20.07 20.03
CA LEU A 256 -26.74 19.94 21.39
C LEU A 256 -28.00 20.79 21.54
N GLN A 257 -28.04 21.90 20.83
CA GLN A 257 -29.17 22.83 20.87
C GLN A 257 -30.32 22.39 19.96
N LYS A 258 -30.10 22.50 18.66
CA LYS A 258 -31.13 22.18 17.67
C LYS A 258 -31.41 20.68 17.38
N GLY A 259 -30.72 19.77 18.07
CA GLY A 259 -30.95 18.36 17.82
C GLY A 259 -30.75 17.98 16.35
N GLU A 260 -31.64 17.16 15.81
CA GLU A 260 -31.51 16.75 14.41
C GLU A 260 -32.03 17.78 13.42
N GLN A 261 -32.08 19.02 13.85
CA GLN A 261 -32.51 20.14 13.01
C GLN A 261 -31.22 20.86 12.67
N SER A 262 -30.16 20.44 13.34
CA SER A 262 -28.81 20.99 13.18
C SER A 262 -28.26 20.87 11.78
N ARG A 263 -27.69 21.96 11.30
CA ARG A 263 -27.09 21.99 9.99
C ARG A 263 -25.83 21.13 10.11
N TYR A 264 -25.45 20.81 11.36
CA TYR A 264 -24.24 20.04 11.62
C TYR A 264 -24.39 18.67 12.29
N LYS A 265 -25.50 17.97 12.11
CA LYS A 265 -25.65 16.67 12.75
C LYS A 265 -24.80 15.59 12.06
N ASP A 266 -24.57 15.74 10.76
CA ASP A 266 -23.77 14.76 10.03
C ASP A 266 -22.29 15.11 10.07
N TRP A 267 -21.91 15.98 11.00
CA TRP A 267 -20.53 16.37 11.17
C TRP A 267 -19.98 15.43 12.24
N PHE A 268 -20.90 14.68 12.83
CA PHE A 268 -20.56 13.75 13.88
C PHE A 268 -21.17 12.36 13.65
N PHE A 269 -20.98 11.49 14.64
CA PHE A 269 -21.52 10.13 14.60
C PHE A 269 -22.52 10.05 15.74
N ILE A 270 -23.73 10.53 15.48
CA ILE A 270 -24.83 10.56 16.46
C ILE A 270 -25.67 9.33 16.24
N GLU A 271 -25.95 8.57 17.29
CA GLU A 271 -26.76 7.36 17.12
C GLU A 271 -28.25 7.64 17.33
N ASP A 272 -28.57 8.58 18.21
CA ASP A 272 -29.96 8.96 18.48
C ASP A 272 -30.06 10.36 19.08
N PHE A 273 -31.24 10.97 19.01
CA PHE A 273 -31.47 12.31 19.54
C PHE A 273 -32.48 12.33 20.68
N PRO A 274 -32.34 13.27 21.62
CA PRO A 274 -31.30 14.30 21.73
C PRO A 274 -29.91 13.78 22.12
N VAL A 275 -28.91 14.64 21.99
CA VAL A 275 -27.54 14.28 22.32
C VAL A 275 -27.33 14.30 23.84
N SER A 276 -26.82 13.20 24.35
CA SER A 276 -26.58 13.02 25.78
C SER A 276 -25.61 13.99 26.43
N LYS A 277 -25.93 14.39 27.66
CA LYS A 277 -25.11 15.31 28.45
C LYS A 277 -24.80 14.59 29.76
N THR A 278 -24.78 13.26 29.69
CA THR A 278 -24.52 12.41 30.85
C THR A 278 -23.24 11.61 30.72
N SER A 279 -23.11 10.61 31.60
CA SER A 279 -21.97 9.71 31.62
C SER A 279 -22.18 8.64 30.55
N ARG A 280 -23.38 8.59 29.99
CA ARG A 280 -23.68 7.63 28.94
C ARG A 280 -23.88 8.42 27.66
N THR A 281 -22.81 8.50 26.86
CA THR A 281 -22.86 9.23 25.61
C THR A 281 -23.51 8.41 24.49
N ASN A 282 -24.22 9.10 23.61
CA ASN A 282 -24.89 8.46 22.49
C ASN A 282 -24.36 9.05 21.18
N TYR A 283 -23.06 9.32 21.17
CA TYR A 283 -22.36 9.84 20.00
C TYR A 283 -20.93 9.28 20.07
N GLU A 284 -20.31 9.00 18.94
CA GLU A 284 -18.96 8.43 18.97
C GLU A 284 -17.93 9.42 19.51
N THR A 285 -17.02 8.94 20.35
CA THR A 285 -16.00 9.82 20.90
C THR A 285 -14.61 9.20 20.87
N PHE A 286 -13.60 10.02 21.10
CA PHE A 286 -12.25 9.51 21.15
C PHE A 286 -12.25 8.44 22.25
N ALA A 287 -11.58 7.32 21.99
CA ALA A 287 -11.53 6.26 23.00
C ALA A 287 -12.94 5.80 23.37
N VAL A 288 -13.11 5.39 24.62
CA VAL A 288 -14.42 4.94 25.07
C VAL A 288 -15.06 5.87 26.10
N GLN A 289 -16.29 6.28 25.79
CA GLN A 289 -17.07 7.14 26.67
C GLN A 289 -16.31 8.35 27.21
N VAL A 290 -15.95 9.26 26.31
CA VAL A 290 -15.24 10.48 26.70
C VAL A 290 -16.07 11.63 26.12
N PRO A 291 -17.14 12.01 26.83
CA PRO A 291 -18.13 13.06 26.55
C PRO A 291 -17.55 14.33 25.95
N ALA A 292 -16.44 14.77 26.50
CA ALA A 292 -15.80 15.99 26.05
C ALA A 292 -15.19 15.89 24.66
N MET A 293 -14.95 14.68 24.17
CA MET A 293 -14.32 14.56 22.87
C MET A 293 -15.10 13.80 21.79
N PRO A 294 -16.11 14.44 21.17
CA PRO A 294 -16.86 13.76 20.12
C PRO A 294 -16.07 13.62 18.81
N LYS A 295 -16.26 12.51 18.11
CA LYS A 295 -15.53 12.27 16.86
C LYS A 295 -16.02 13.12 15.67
N LEU A 296 -15.08 13.67 14.92
CA LEU A 296 -15.42 14.46 13.74
C LEU A 296 -15.51 13.53 12.53
N ARG A 297 -16.48 13.78 11.65
CA ARG A 297 -16.63 12.96 10.47
C ARG A 297 -15.80 13.59 9.35
N THR A 298 -14.51 13.30 9.35
CA THR A 298 -13.62 13.88 8.36
C THR A 298 -13.91 13.39 6.94
N GLU A 299 -14.75 12.37 6.84
CA GLU A 299 -15.15 11.83 5.54
C GLU A 299 -16.12 12.81 4.90
N ASN A 300 -16.81 13.57 5.75
CA ASN A 300 -17.79 14.58 5.33
C ASN A 300 -17.11 15.82 4.73
N PRO A 301 -17.31 16.09 3.43
CA PRO A 301 -16.69 17.25 2.75
C PRO A 301 -16.80 18.55 3.54
N GLU A 302 -17.93 18.72 4.21
CA GLU A 302 -18.17 19.91 4.99
C GLU A 302 -17.14 20.05 6.11
N VAL A 303 -16.92 18.96 6.84
CA VAL A 303 -15.95 18.89 7.92
C VAL A 303 -14.50 18.96 7.40
N LYS A 304 -14.24 18.32 6.27
CA LYS A 304 -12.92 18.34 5.69
C LYS A 304 -12.47 19.75 5.33
N GLU A 305 -13.33 20.48 4.63
CA GLU A 305 -13.00 21.85 4.21
C GLU A 305 -12.85 22.80 5.40
N TYR A 306 -13.60 22.54 6.47
CA TYR A 306 -13.48 23.38 7.65
C TYR A 306 -12.08 23.15 8.22
N LEU A 307 -11.81 21.93 8.65
CA LEU A 307 -10.50 21.60 9.23
C LEU A 307 -9.37 22.05 8.31
N PHE A 308 -9.60 22.03 7.00
CA PHE A 308 -8.58 22.45 6.04
C PHE A 308 -8.35 23.96 6.14
N ASP A 309 -9.43 24.70 6.38
CA ASP A 309 -9.34 26.14 6.52
C ASP A 309 -8.61 26.45 7.82
N VAL A 310 -8.88 25.65 8.85
CA VAL A 310 -8.21 25.83 10.13
C VAL A 310 -6.71 25.69 9.86
N ALA A 311 -6.38 24.78 8.95
CA ALA A 311 -4.99 24.57 8.60
C ALA A 311 -4.44 25.81 7.91
N ARG A 312 -5.15 26.27 6.88
CA ARG A 312 -4.73 27.45 6.13
C ARG A 312 -4.45 28.63 7.06
N PHE A 313 -5.40 28.94 7.93
CA PHE A 313 -5.26 30.06 8.84
C PHE A 313 -4.01 30.04 9.72
N TRP A 314 -3.68 28.89 10.30
CA TRP A 314 -2.48 28.84 11.15
C TRP A 314 -1.24 28.83 10.30
N MET A 315 -1.36 28.26 9.11
CA MET A 315 -0.24 28.21 8.20
C MET A 315 0.04 29.63 7.77
N GLU A 316 -0.99 30.45 7.84
CA GLU A 316 -0.88 31.85 7.47
C GLU A 316 -0.18 32.65 8.54
N GLN A 317 -0.09 32.10 9.75
CA GLN A 317 0.60 32.78 10.84
C GLN A 317 2.10 32.45 10.78
N GLY A 318 2.47 31.59 9.83
CA GLY A 318 3.86 31.24 9.65
C GLY A 318 4.41 29.99 10.34
N ILE A 319 3.55 29.12 10.86
CA ILE A 319 4.05 27.93 11.52
C ILE A 319 4.73 27.00 10.52
N ASP A 320 5.63 26.18 11.02
CA ASP A 320 6.40 25.28 10.19
C ASP A 320 5.94 23.82 10.05
N GLY A 321 4.88 23.41 10.74
CA GLY A 321 4.48 22.03 10.61
C GLY A 321 3.40 21.56 11.53
N TRP A 322 3.07 20.28 11.46
CA TRP A 322 2.03 19.71 12.31
C TRP A 322 2.36 18.33 12.84
N ARG A 323 1.80 18.00 13.99
CA ARG A 323 1.95 16.68 14.59
C ARG A 323 0.47 16.28 14.58
N LEU A 324 0.12 15.20 13.89
CA LEU A 324 -1.28 14.81 13.80
C LEU A 324 -1.73 13.85 14.88
N ASN A 325 -2.40 14.38 15.89
CA ASN A 325 -2.90 13.61 17.02
C ASN A 325 -3.97 12.60 16.59
N VAL A 326 -3.84 11.36 17.05
CA VAL A 326 -4.78 10.27 16.72
C VAL A 326 -5.02 10.21 15.20
N ALA A 327 -3.94 10.35 14.44
CA ALA A 327 -4.02 10.35 12.98
C ALA A 327 -4.53 9.06 12.34
N ASN A 328 -4.23 7.91 12.93
CA ASN A 328 -4.64 6.65 12.33
C ASN A 328 -6.13 6.43 12.36
N GLU A 329 -6.87 7.35 12.99
CA GLU A 329 -8.32 7.17 13.05
C GLU A 329 -9.14 8.11 12.18
N VAL A 330 -8.47 8.77 11.24
CA VAL A 330 -9.09 9.66 10.26
C VAL A 330 -8.68 9.11 8.89
N ASP A 331 -9.61 9.13 7.94
CA ASP A 331 -9.41 8.58 6.58
C ASP A 331 -8.17 9.01 5.78
N HIS A 332 -7.69 8.09 4.94
CA HIS A 332 -6.50 8.31 4.12
C HIS A 332 -6.70 9.43 3.09
N ALA A 333 -7.88 9.48 2.50
CA ALA A 333 -8.20 10.50 1.52
C ALA A 333 -7.97 11.89 2.13
N PHE A 334 -8.38 12.04 3.39
CA PHE A 334 -8.22 13.30 4.09
C PHE A 334 -6.74 13.64 4.20
N TRP A 335 -5.92 12.68 4.59
CA TRP A 335 -4.50 12.92 4.73
C TRP A 335 -3.76 13.16 3.40
N ARG A 336 -4.15 12.46 2.34
CA ARG A 336 -3.51 12.67 1.04
C ARG A 336 -3.74 14.11 0.59
N GLU A 337 -4.97 14.57 0.77
CA GLU A 337 -5.38 15.91 0.40
C GLU A 337 -4.78 16.95 1.33
N PHE A 338 -4.80 16.64 2.62
CA PHE A 338 -4.21 17.52 3.62
C PHE A 338 -2.76 17.74 3.22
N ARG A 339 -2.11 16.70 2.71
CA ARG A 339 -0.72 16.81 2.30
C ARG A 339 -0.55 17.72 1.12
N ARG A 340 -1.43 17.57 0.14
CA ARG A 340 -1.37 18.39 -1.06
C ARG A 340 -1.61 19.85 -0.72
N LEU A 341 -2.53 20.10 0.22
CA LEU A 341 -2.82 21.47 0.61
C LEU A 341 -1.65 22.02 1.39
N VAL A 342 -1.24 21.32 2.45
CA VAL A 342 -0.12 21.79 3.23
C VAL A 342 1.09 22.02 2.31
N LYS A 343 1.61 20.94 1.72
CA LYS A 343 2.79 21.07 0.87
C LYS A 343 2.70 22.10 -0.24
N SER A 344 1.50 22.51 -0.67
CA SER A 344 1.39 23.50 -1.75
C SER A 344 1.40 24.90 -1.14
N LEU A 345 0.94 24.99 0.10
CA LEU A 345 0.88 26.23 0.85
C LEU A 345 2.29 26.58 1.33
N ASN A 346 3.10 25.54 1.56
CA ASN A 346 4.49 25.69 2.01
C ASN A 346 5.19 24.33 1.87
N PRO A 347 6.10 24.22 0.89
CA PRO A 347 6.84 22.99 0.64
C PRO A 347 7.66 22.49 1.81
N ASP A 348 7.99 23.36 2.74
CA ASP A 348 8.82 22.94 3.86
C ASP A 348 8.14 22.77 5.20
N ALA A 349 6.83 22.60 5.16
CA ALA A 349 6.06 22.36 6.37
C ALA A 349 6.14 20.84 6.59
N LEU A 350 6.60 20.46 7.78
CA LEU A 350 6.75 19.05 8.14
C LEU A 350 5.47 18.44 8.72
N ILE A 351 5.07 17.28 8.20
CA ILE A 351 3.87 16.58 8.67
C ILE A 351 4.29 15.35 9.49
N VAL A 352 4.12 15.37 10.81
CA VAL A 352 4.48 14.21 11.60
C VAL A 352 3.24 13.54 12.17
N GLY A 353 3.17 12.21 12.06
CA GLY A 353 2.02 11.47 12.54
C GLY A 353 2.21 10.75 13.86
N GLU A 354 1.11 10.54 14.58
CA GLU A 354 1.13 9.87 15.89
C GLU A 354 0.35 8.57 15.79
N ILE A 355 1.04 7.48 15.44
CA ILE A 355 0.42 6.15 15.29
C ILE A 355 1.15 5.19 16.18
N TRP A 356 0.41 4.41 16.96
CA TRP A 356 1.02 3.47 17.90
C TRP A 356 1.01 2.01 17.43
N HIS A 357 1.40 1.81 16.19
CA HIS A 357 1.50 0.49 15.55
C HIS A 357 2.09 0.73 14.15
N ASP A 358 2.43 -0.33 13.42
CA ASP A 358 3.02 -0.17 12.08
C ASP A 358 2.35 0.94 11.30
N ALA A 359 3.11 1.99 10.96
CA ALA A 359 2.55 3.11 10.24
C ALA A 359 2.88 3.13 8.74
N SER A 360 3.37 2.02 8.20
CA SER A 360 3.76 1.98 6.80
C SER A 360 2.70 2.48 5.80
N GLY A 361 1.43 2.38 6.19
CA GLY A 361 0.36 2.83 5.32
C GLY A 361 0.37 4.34 5.06
N TRP A 362 0.75 5.10 6.08
CA TRP A 362 0.79 6.56 5.98
C TRP A 362 2.18 7.05 5.63
N LEU A 363 3.11 6.13 5.42
CA LEU A 363 4.50 6.50 5.10
C LEU A 363 5.03 6.02 3.76
N MET A 364 4.24 6.16 2.71
CA MET A 364 4.66 5.75 1.36
C MET A 364 5.20 6.98 0.64
N GLY A 365 4.90 8.16 1.19
CA GLY A 365 5.35 9.40 0.58
C GLY A 365 4.22 10.33 0.15
N ASP A 366 2.98 9.86 0.23
CA ASP A 366 1.85 10.68 -0.18
C ASP A 366 0.95 11.13 0.98
N GLN A 367 1.45 11.03 2.21
CA GLN A 367 0.68 11.46 3.38
C GLN A 367 1.57 12.12 4.44
N PHE A 368 2.11 11.35 5.38
CA PHE A 368 2.98 11.92 6.42
C PHE A 368 4.45 11.88 5.97
N ASP A 369 5.31 12.62 6.67
CA ASP A 369 6.74 12.61 6.36
C ASP A 369 7.44 11.69 7.33
N SER A 370 6.87 11.52 8.52
CA SER A 370 7.40 10.66 9.57
C SER A 370 6.36 10.53 10.67
N VAL A 371 6.71 9.83 11.74
CA VAL A 371 5.82 9.64 12.88
C VAL A 371 6.65 9.61 14.16
N MET A 372 5.97 9.49 15.31
CA MET A 372 6.65 9.40 16.60
C MET A 372 7.26 8.01 16.61
N ASN A 373 8.51 7.87 17.03
CA ASN A 373 9.13 6.55 17.06
C ASN A 373 8.96 5.85 18.41
N TYR A 374 7.73 5.41 18.73
CA TYR A 374 7.50 4.74 20.02
C TYR A 374 8.33 3.46 20.10
N LEU A 375 8.78 2.96 18.96
CA LEU A 375 9.61 1.77 18.95
C LEU A 375 10.99 2.10 19.57
N PHE A 376 11.58 3.20 19.11
CA PHE A 376 12.85 3.66 19.63
C PHE A 376 12.75 3.78 21.15
N ARG A 377 11.60 4.26 21.64
CA ARG A 377 11.43 4.41 23.07
C ARG A 377 11.35 3.10 23.86
N GLU A 378 10.63 2.12 23.31
CA GLU A 378 10.51 0.84 23.99
C GLU A 378 11.87 0.15 24.08
N SER A 379 12.69 0.31 23.05
CA SER A 379 14.01 -0.29 23.03
C SER A 379 14.91 0.43 24.02
N VAL A 380 14.86 1.75 24.04
CA VAL A 380 15.70 2.52 24.93
C VAL A 380 15.30 2.32 26.40
N ILE A 381 13.99 2.30 26.67
CA ILE A 381 13.51 2.08 28.04
C ILE A 381 14.04 0.75 28.58
N ARG A 382 13.71 -0.35 27.90
CA ARG A 382 14.12 -1.68 28.33
C ARG A 382 15.62 -1.99 28.33
N PHE A 383 16.40 -1.19 27.60
CA PHE A 383 17.83 -1.40 27.54
C PHE A 383 18.58 -0.59 28.60
N PHE A 384 18.36 0.72 28.58
CA PHE A 384 19.02 1.63 29.52
C PHE A 384 18.32 1.79 30.87
N ALA A 385 17.02 2.03 30.86
CA ALA A 385 16.24 2.24 32.09
C ALA A 385 15.95 1.02 32.98
N THR A 386 15.22 0.03 32.45
CA THR A 386 14.85 -1.16 33.22
C THR A 386 15.83 -2.33 33.17
N GLY A 387 16.71 -2.36 32.17
CA GLY A 387 17.65 -3.46 32.06
C GLY A 387 17.03 -4.81 31.74
N GLU A 388 15.87 -4.81 31.08
CA GLU A 388 15.20 -6.05 30.72
C GLU A 388 15.77 -6.68 29.46
N ILE A 389 16.55 -5.93 28.69
CA ILE A 389 17.13 -6.49 27.48
C ILE A 389 18.61 -6.18 27.39
N HIS A 390 19.38 -7.08 26.78
CA HIS A 390 20.81 -6.90 26.64
C HIS A 390 21.19 -6.33 25.28
N ALA A 391 22.49 -6.07 25.11
CA ALA A 391 23.01 -5.47 23.88
C ALA A 391 22.60 -6.16 22.59
N GLU A 392 22.43 -7.48 22.62
CA GLU A 392 22.06 -8.18 21.39
C GLU A 392 20.57 -8.05 21.02
N ARG A 393 19.70 -8.05 22.02
CA ARG A 393 18.27 -7.89 21.80
C ARG A 393 18.04 -6.43 21.41
N PHE A 394 18.80 -5.53 22.04
CA PHE A 394 18.72 -4.10 21.77
C PHE A 394 19.03 -3.90 20.30
N ASP A 395 20.14 -4.48 19.84
CA ASP A 395 20.56 -4.40 18.45
C ASP A 395 19.44 -4.82 17.50
N ALA A 396 18.84 -5.96 17.82
CA ALA A 396 17.76 -6.53 17.03
C ALA A 396 16.55 -5.60 16.92
N GLU A 397 15.96 -5.28 18.05
CA GLU A 397 14.80 -4.39 18.08
C GLU A 397 15.09 -3.13 17.27
N LEU A 398 16.26 -2.56 17.47
CA LEU A 398 16.66 -1.37 16.75
C LEU A 398 16.61 -1.62 15.25
N THR A 399 17.23 -2.70 14.79
CA THR A 399 17.26 -3.04 13.36
C THR A 399 15.91 -3.39 12.75
N ARG A 400 15.05 -4.06 13.52
CA ARG A 400 13.74 -4.42 12.98
C ARG A 400 12.96 -3.14 12.67
N ALA A 401 13.07 -2.16 13.54
CA ALA A 401 12.39 -0.88 13.34
C ALA A 401 12.96 -0.10 12.15
N ARG A 402 14.27 -0.21 11.94
CA ARG A 402 14.93 0.47 10.85
C ARG A 402 14.35 0.05 9.49
N MET A 403 14.10 -1.24 9.33
CA MET A 403 13.59 -1.77 8.07
C MET A 403 12.10 -1.59 7.86
N LEU A 404 11.40 -1.17 8.89
CA LEU A 404 9.96 -0.98 8.80
C LEU A 404 9.47 -0.13 7.62
N TYR A 405 10.03 1.05 7.44
CA TYR A 405 9.56 1.93 6.39
C TYR A 405 10.67 2.34 5.42
N PRO A 406 10.33 3.16 4.40
CA PRO A 406 11.32 3.63 3.43
C PRO A 406 12.29 4.60 4.12
N GLU A 407 13.54 4.65 3.65
CA GLU A 407 14.54 5.52 4.24
C GLU A 407 14.10 6.97 4.48
N GLN A 408 13.40 7.56 3.52
CA GLN A 408 12.98 8.95 3.69
C GLN A 408 12.28 9.16 5.03
N ALA A 409 11.43 8.21 5.42
CA ALA A 409 10.71 8.31 6.69
C ALA A 409 11.59 7.94 7.87
N ALA A 410 12.26 6.79 7.77
CA ALA A 410 13.11 6.34 8.84
C ALA A 410 14.07 7.43 9.29
N GLN A 411 14.68 8.11 8.32
CA GLN A 411 15.62 9.19 8.59
C GLN A 411 15.08 10.32 9.44
N GLY A 412 13.76 10.51 9.40
CA GLY A 412 13.11 11.58 10.16
C GLY A 412 12.17 11.16 11.29
N LEU A 413 12.33 9.95 11.80
CA LEU A 413 11.48 9.50 12.91
C LEU A 413 11.76 10.30 14.20
N TRP A 414 10.73 10.84 14.82
CA TRP A 414 10.92 11.59 16.07
C TRP A 414 11.24 10.64 17.22
N ASN A 415 12.52 10.50 17.53
CA ASN A 415 12.98 9.61 18.59
C ASN A 415 12.83 10.17 19.99
N LEU A 416 11.78 9.79 20.69
CA LEU A 416 11.55 10.30 22.04
C LEU A 416 11.93 9.34 23.16
N LEU A 417 12.01 9.88 24.37
CA LEU A 417 12.34 9.09 25.55
C LEU A 417 11.08 8.99 26.40
N ASP A 418 10.31 10.07 26.38
CA ASP A 418 9.08 10.16 27.16
C ASP A 418 8.16 11.21 26.59
N SER A 419 7.01 11.44 27.23
CA SER A 419 6.07 12.44 26.76
C SER A 419 5.15 12.88 27.90
N HIS A 420 4.14 13.68 27.54
CA HIS A 420 3.15 14.17 28.52
C HIS A 420 2.19 13.04 28.82
N ASN A 421 2.55 11.84 28.40
CA ASN A 421 1.74 10.66 28.61
C ASN A 421 2.50 9.55 29.30
N THR A 422 3.70 9.82 29.76
CA THR A 422 4.46 8.76 30.42
C THR A 422 5.24 9.26 31.62
N GLU A 423 5.76 8.32 32.40
CA GLU A 423 6.59 8.66 33.54
C GLU A 423 7.80 9.32 32.87
N ARG A 424 8.58 10.10 33.61
CA ARG A 424 9.77 10.74 33.03
C ARG A 424 10.92 9.75 32.92
N PHE A 425 11.62 9.73 31.79
CA PHE A 425 12.70 8.78 31.62
C PHE A 425 13.65 8.63 32.80
N LEU A 426 14.04 9.73 33.41
CA LEU A 426 14.94 9.68 34.55
C LEU A 426 14.34 8.85 35.69
N THR A 427 13.01 8.80 35.72
CA THR A 427 12.28 8.03 36.72
C THR A 427 12.22 6.55 36.29
N SER A 428 12.15 6.32 34.99
CA SER A 428 12.14 4.97 34.45
C SER A 428 13.48 4.36 34.85
N CYS A 429 14.48 5.24 34.95
CA CYS A 429 15.84 4.88 35.32
C CYS A 429 16.00 4.85 36.83
N GLY A 430 14.89 4.94 37.55
CA GLY A 430 14.93 4.95 39.01
C GLY A 430 15.87 5.99 39.58
N GLY A 431 15.95 7.14 38.94
CA GLY A 431 16.81 8.21 39.43
C GLY A 431 18.28 8.02 39.08
N ASN A 432 18.61 6.93 38.40
CA ASN A 432 20.00 6.71 38.05
C ASN A 432 20.45 7.62 36.89
N GLU A 433 21.18 8.67 37.22
CA GLU A 433 21.64 9.60 36.20
C GLU A 433 22.59 8.97 35.19
N ALA A 434 23.50 8.12 35.67
CA ALA A 434 24.46 7.46 34.79
C ALA A 434 23.73 6.84 33.61
N LYS A 435 22.78 5.96 33.90
CA LYS A 435 21.99 5.30 32.87
C LYS A 435 21.24 6.30 32.00
N PHE A 436 20.73 7.35 32.64
CA PHE A 436 20.00 8.41 31.95
C PHE A 436 20.85 9.00 30.83
N ARG A 437 22.03 9.50 31.19
CA ARG A 437 22.94 10.12 30.22
C ARG A 437 23.32 9.23 29.06
N LEU A 438 23.52 7.94 29.28
CA LEU A 438 23.91 7.09 28.19
C LEU A 438 22.80 7.01 27.15
N ALA A 439 21.56 7.07 27.62
CA ALA A 439 20.40 7.03 26.75
C ALA A 439 20.36 8.31 25.92
N VAL A 440 20.73 9.44 26.54
CA VAL A 440 20.74 10.71 25.83
C VAL A 440 21.89 10.70 24.81
N LEU A 441 23.04 10.18 25.23
CA LEU A 441 24.20 10.10 24.34
C LEU A 441 23.81 9.28 23.12
N PHE A 442 23.02 8.23 23.35
CA PHE A 442 22.56 7.38 22.25
C PHE A 442 21.53 8.15 21.41
N GLN A 443 20.50 8.69 22.05
CA GLN A 443 19.45 9.44 21.35
C GLN A 443 20.01 10.55 20.47
N MET A 444 21.06 11.23 20.96
CA MET A 444 21.66 12.33 20.23
C MET A 444 22.62 11.92 19.11
N THR A 445 22.83 10.63 18.91
CA THR A 445 23.71 10.15 17.84
C THR A 445 23.06 9.10 16.93
N TYR A 446 21.91 8.60 17.33
CA TYR A 446 21.22 7.57 16.55
C TYR A 446 20.48 8.10 15.33
N LEU A 447 20.04 7.19 14.46
CA LEU A 447 19.32 7.57 13.26
C LEU A 447 17.89 8.06 13.55
N GLY A 448 17.64 9.32 13.18
CA GLY A 448 16.33 9.89 13.39
C GLY A 448 16.40 11.32 13.87
N THR A 449 15.27 11.84 14.34
CA THR A 449 15.18 13.21 14.82
C THR A 449 15.00 13.15 16.33
N PRO A 450 16.00 13.56 17.12
CA PRO A 450 15.81 13.51 18.56
C PRO A 450 14.82 14.54 19.09
N LEU A 451 13.90 14.09 19.94
CA LEU A 451 12.88 14.96 20.54
C LEU A 451 13.07 15.07 22.06
N ILE A 452 13.33 16.27 22.55
CA ILE A 452 13.55 16.50 23.98
C ILE A 452 12.26 16.98 24.65
N TYR A 453 11.87 16.32 25.73
CA TYR A 453 10.67 16.67 26.49
C TYR A 453 11.06 17.70 27.54
N TYR A 454 10.44 18.86 27.49
CA TYR A 454 10.73 19.96 28.41
C TYR A 454 11.09 19.51 29.81
N GLY A 455 12.21 20.01 30.31
CA GLY A 455 12.62 19.65 31.66
C GLY A 455 13.60 18.49 31.79
N ASP A 456 13.55 17.52 30.89
CA ASP A 456 14.47 16.41 31.00
C ASP A 456 15.91 16.95 30.99
N GLU A 457 16.14 17.97 30.16
CA GLU A 457 17.46 18.57 30.01
C GLU A 457 18.05 19.14 31.31
N ILE A 458 17.22 19.46 32.29
CA ILE A 458 17.77 19.97 33.53
C ILE A 458 17.49 19.09 34.75
N GLY A 459 17.08 17.85 34.51
CA GLY A 459 16.86 16.89 35.59
C GLY A 459 15.50 16.60 36.21
N MET A 460 14.42 17.08 35.62
CA MET A 460 13.11 16.82 36.20
C MET A 460 12.71 15.34 36.19
N ALA A 461 11.92 14.96 37.18
CA ALA A 461 11.44 13.58 37.30
C ALA A 461 9.94 13.55 37.60
N GLY A 462 9.35 12.36 37.51
CA GLY A 462 7.92 12.25 37.78
C GLY A 462 7.25 11.00 37.22
N ALA A 463 6.14 10.64 37.85
CA ALA A 463 5.35 9.48 37.44
C ALA A 463 4.53 9.88 36.20
N THR A 464 3.75 8.94 35.68
CA THR A 464 2.94 9.21 34.49
C THR A 464 1.90 10.32 34.73
N ASP A 465 1.15 10.65 33.68
CA ASP A 465 0.10 11.67 33.74
C ASP A 465 -0.71 11.54 35.03
N PRO A 466 -0.83 12.63 35.80
CA PRO A 466 -0.28 13.95 35.48
C PRO A 466 1.04 14.37 36.16
N ASP A 467 1.70 13.46 36.87
CA ASP A 467 2.95 13.84 37.54
C ASP A 467 4.11 14.17 36.58
N CYS A 468 4.01 13.76 35.32
CA CYS A 468 5.04 14.05 34.34
C CYS A 468 4.84 15.44 33.77
N ARG A 469 3.72 16.06 34.15
CA ARG A 469 3.39 17.40 33.69
C ARG A 469 3.60 18.40 34.84
N ARG A 470 4.73 18.33 35.51
CA ARG A 470 5.00 19.27 36.60
C ARG A 470 5.48 20.61 36.06
N PRO A 471 5.37 21.67 36.87
CA PRO A 471 5.82 22.98 36.41
C PRO A 471 7.35 22.97 36.27
N MET A 472 7.83 23.47 35.14
CA MET A 472 9.26 23.54 34.83
C MET A 472 10.08 24.17 35.96
N ILE A 473 11.28 23.63 36.21
CA ILE A 473 12.16 24.18 37.25
C ILE A 473 13.01 25.26 36.59
N TRP A 474 12.86 26.51 37.01
CA TRP A 474 13.64 27.60 36.41
C TRP A 474 14.70 28.17 37.32
N GLU A 475 14.56 27.97 38.63
CA GLU A 475 15.56 28.49 39.54
C GLU A 475 16.85 27.73 39.27
N GLU A 476 17.89 28.43 38.85
CA GLU A 476 19.14 27.79 38.52
C GLU A 476 19.72 26.79 39.51
N LYS A 477 19.58 27.06 40.81
CA LYS A 477 20.12 26.15 41.81
C LYS A 477 19.34 24.85 42.01
N GLU A 478 18.15 24.78 41.41
CA GLU A 478 17.32 23.58 41.50
C GLU A 478 17.44 22.80 40.20
N GLN A 479 18.26 23.31 39.28
CA GLN A 479 18.49 22.67 37.99
C GLN A 479 19.81 21.93 37.95
N ASN A 480 19.88 20.85 37.18
CA ASN A 480 21.10 20.08 37.03
C ASN A 480 21.84 20.70 35.84
N ARG A 481 22.55 21.78 36.07
CA ARG A 481 23.27 22.43 35.00
C ARG A 481 24.32 21.51 34.39
N GLY A 482 24.72 20.51 35.17
CA GLY A 482 25.69 19.56 34.66
C GLY A 482 25.10 18.85 33.44
N LEU A 483 23.84 18.43 33.57
CA LEU A 483 23.11 17.76 32.51
C LEU A 483 22.91 18.72 31.34
N PHE A 484 22.45 19.92 31.67
CA PHE A 484 22.20 20.95 30.67
C PHE A 484 23.40 21.08 29.72
N GLU A 485 24.59 21.14 30.30
CA GLU A 485 25.80 21.27 29.51
C GLU A 485 26.05 20.00 28.69
N PHE A 486 25.72 18.86 29.28
CA PHE A 486 25.89 17.58 28.61
C PHE A 486 25.01 17.62 27.34
N TYR A 487 23.74 18.00 27.51
CA TYR A 487 22.83 18.08 26.37
C TYR A 487 23.39 19.02 25.33
N LYS A 488 23.79 20.20 25.78
CA LYS A 488 24.33 21.21 24.89
C LYS A 488 25.47 20.66 24.03
N GLU A 489 26.43 20.01 24.67
CA GLU A 489 27.57 19.47 23.94
C GLU A 489 27.16 18.44 22.90
N LEU A 490 26.32 17.48 23.29
CA LEU A 490 25.88 16.47 22.33
C LEU A 490 25.13 17.14 21.19
N ILE A 491 24.28 18.09 21.54
CA ILE A 491 23.51 18.82 20.55
C ILE A 491 24.42 19.53 19.56
N ARG A 492 25.58 20.00 20.03
CA ARG A 492 26.53 20.67 19.16
C ARG A 492 27.19 19.66 18.22
N LEU A 493 27.54 18.49 18.78
CA LEU A 493 28.16 17.44 17.99
C LEU A 493 27.24 17.04 16.85
N ARG A 494 25.99 16.75 17.19
CA ARG A 494 25.03 16.33 16.19
C ARG A 494 24.97 17.36 15.06
N HIS A 495 24.87 18.63 15.42
CA HIS A 495 24.81 19.65 14.39
C HIS A 495 26.10 19.69 13.57
N ARG A 496 27.21 19.35 14.22
CA ARG A 496 28.52 19.41 13.57
C ARG A 496 28.95 18.22 12.72
N LEU A 497 28.49 17.03 13.06
CA LEU A 497 28.87 15.83 12.31
C LEU A 497 27.77 15.44 11.32
N ALA A 498 28.00 15.69 10.03
CA ALA A 498 27.02 15.36 9.00
C ALA A 498 26.59 13.90 9.08
N SER A 499 27.49 13.08 9.59
CA SER A 499 27.24 11.66 9.74
C SER A 499 26.03 11.44 10.65
N LEU A 500 26.04 12.09 11.80
CA LEU A 500 24.98 11.99 12.79
C LEU A 500 23.58 12.43 12.34
N THR A 501 23.50 13.34 11.37
CA THR A 501 22.19 13.81 10.93
C THR A 501 21.73 13.31 9.57
N ARG A 502 22.64 12.87 8.72
CA ARG A 502 22.26 12.41 7.40
C ARG A 502 22.84 11.07 7.00
N GLY A 503 23.60 10.46 7.89
CA GLY A 503 24.20 9.18 7.59
C GLY A 503 23.25 8.01 7.82
N ASN A 504 23.73 6.81 7.55
CA ASN A 504 22.94 5.60 7.74
C ASN A 504 23.48 4.89 8.96
N VAL A 505 22.85 3.79 9.36
CA VAL A 505 23.29 3.08 10.54
C VAL A 505 23.70 1.67 10.26
N ARG A 506 24.72 1.23 10.99
CA ARG A 506 25.21 -0.12 10.85
C ARG A 506 25.76 -0.57 12.18
N SER A 507 25.30 -1.72 12.66
CA SER A 507 25.77 -2.25 13.94
C SER A 507 27.28 -2.47 13.85
N TRP A 508 27.96 -2.27 14.96
CA TRP A 508 29.40 -2.42 14.99
C TRP A 508 29.85 -3.47 15.98
N HIS A 509 29.13 -3.58 17.09
CA HIS A 509 29.47 -4.57 18.10
C HIS A 509 28.30 -4.73 19.07
N ALA A 510 28.09 -5.96 19.54
CA ALA A 510 27.02 -6.23 20.47
C ALA A 510 27.29 -7.48 21.29
N ASP A 511 27.92 -7.31 22.45
CA ASP A 511 28.23 -8.41 23.34
C ASP A 511 27.09 -8.46 24.36
N LYS A 512 26.31 -9.53 24.36
CA LYS A 512 25.19 -9.61 25.30
C LYS A 512 25.66 -9.89 26.71
N GLN A 513 26.89 -10.38 26.82
CA GLN A 513 27.47 -10.72 28.11
C GLN A 513 27.95 -9.46 28.84
N ALA A 514 28.81 -8.69 28.18
CA ALA A 514 29.35 -7.46 28.75
C ALA A 514 28.29 -6.38 28.74
N ASN A 515 27.39 -6.51 27.76
CA ASN A 515 26.28 -5.58 27.55
C ASN A 515 26.78 -4.31 26.94
N LEU A 516 27.70 -4.46 26.00
CA LEU A 516 28.29 -3.34 25.31
C LEU A 516 27.73 -3.33 23.89
N TYR A 517 27.25 -2.17 23.44
CA TYR A 517 26.69 -2.05 22.11
C TYR A 517 27.31 -0.86 21.40
N ALA A 518 27.54 -1.02 20.10
CA ALA A 518 28.14 0.05 19.34
C ALA A 518 27.67 0.01 17.90
N PHE A 519 27.51 1.19 17.31
CA PHE A 519 27.08 1.31 15.93
C PHE A 519 27.95 2.35 15.27
N VAL A 520 27.72 2.55 13.97
CA VAL A 520 28.48 3.49 13.17
C VAL A 520 27.58 4.17 12.15
N ARG A 521 27.61 5.49 12.15
CA ARG A 521 26.83 6.28 11.21
C ARG A 521 27.81 6.66 10.12
N THR A 522 27.32 6.75 8.88
CA THR A 522 28.19 7.08 7.75
C THR A 522 27.52 7.84 6.61
N VAL A 523 28.18 8.90 6.17
CA VAL A 523 27.70 9.69 5.06
C VAL A 523 28.96 9.95 4.25
N GLN A 524 28.91 9.71 2.94
CA GLN A 524 30.07 9.89 2.10
C GLN A 524 31.30 9.21 2.72
N ASP A 525 32.36 9.96 2.98
CA ASP A 525 33.55 9.35 3.55
C ASP A 525 33.69 9.51 5.07
N GLN A 526 32.69 10.11 5.70
CA GLN A 526 32.74 10.29 7.15
C GLN A 526 32.16 9.10 7.90
N HIS A 527 32.81 8.79 9.03
CA HIS A 527 32.41 7.68 9.89
C HIS A 527 32.47 8.15 11.33
N VAL A 528 31.44 7.85 12.11
CA VAL A 528 31.41 8.19 13.52
C VAL A 528 30.91 6.95 14.25
N GLY A 529 31.74 6.40 15.12
CA GLY A 529 31.38 5.22 15.86
C GLY A 529 31.05 5.48 17.31
N VAL A 530 29.84 5.07 17.72
CA VAL A 530 29.41 5.24 19.10
C VAL A 530 29.56 3.92 19.84
N VAL A 531 30.32 3.95 20.93
CA VAL A 531 30.51 2.75 21.73
C VAL A 531 29.80 3.01 23.04
N LEU A 532 29.03 2.04 23.50
CA LEU A 532 28.29 2.23 24.74
C LEU A 532 28.54 1.11 25.75
N ASN A 533 29.18 1.43 26.86
CA ASN A 533 29.42 0.43 27.88
C ASN A 533 28.25 0.52 28.84
N ASN A 534 27.14 -0.11 28.49
CA ASN A 534 25.94 -0.04 29.31
C ASN A 534 25.95 -0.98 30.51
N ARG A 535 27.02 -0.89 31.30
CA ARG A 535 27.16 -1.71 32.48
C ARG A 535 27.76 -0.90 33.64
N GLY A 536 27.45 -1.31 34.85
CA GLY A 536 27.94 -0.60 36.02
C GLY A 536 29.40 -0.80 36.37
N GLU A 537 30.15 -1.43 35.48
CA GLU A 537 31.56 -1.68 35.74
C GLU A 537 32.46 -1.22 34.61
N LYS A 538 33.76 -1.17 34.89
CA LYS A 538 34.75 -0.78 33.90
C LYS A 538 34.94 -2.01 32.99
N GLN A 539 35.01 -1.80 31.69
CA GLN A 539 35.20 -2.93 30.78
C GLN A 539 36.09 -2.64 29.60
N THR A 540 36.57 -3.70 28.96
CA THR A 540 37.47 -3.57 27.82
C THR A 540 36.98 -4.30 26.58
N VAL A 541 36.95 -3.61 25.44
CA VAL A 541 36.52 -4.22 24.20
C VAL A 541 37.52 -4.07 23.09
N LEU A 542 37.40 -4.95 22.11
CA LEU A 542 38.25 -4.95 20.93
C LEU A 542 37.29 -4.98 19.75
N LEU A 543 37.19 -3.84 19.07
CA LEU A 543 36.29 -3.71 17.94
C LEU A 543 37.00 -3.87 16.61
N GLN A 544 36.41 -4.68 15.74
CA GLN A 544 36.96 -4.94 14.41
C GLN A 544 36.87 -3.70 13.55
N VAL A 545 38.00 -3.12 13.21
CA VAL A 545 38.00 -1.91 12.40
C VAL A 545 38.99 -1.89 11.25
N PRO A 546 38.68 -2.61 10.16
CA PRO A 546 39.62 -2.58 9.03
C PRO A 546 40.07 -1.14 8.73
N GLU A 547 41.34 -0.99 8.38
CA GLU A 547 41.91 0.33 8.10
C GLU A 547 41.50 0.98 6.79
N SER A 548 40.56 0.36 6.07
CA SER A 548 40.10 0.94 4.81
C SER A 548 39.26 2.17 5.14
N GLY A 549 38.56 2.11 6.28
CA GLY A 549 37.74 3.21 6.73
C GLY A 549 38.46 4.03 7.78
N GLY A 550 39.79 4.01 7.71
CA GLY A 550 40.59 4.76 8.66
C GLY A 550 41.18 3.90 9.75
N LYS A 551 42.38 4.24 10.20
CA LYS A 551 43.06 3.50 11.27
C LYS A 551 43.22 4.37 12.52
N THR A 552 42.55 5.52 12.53
CA THR A 552 42.60 6.45 13.65
C THR A 552 41.27 7.17 13.87
N TRP A 553 40.87 7.30 15.14
CA TRP A 553 39.62 7.97 15.52
C TRP A 553 39.82 8.89 16.71
N LEU A 554 38.93 9.88 16.83
CA LEU A 554 39.01 10.83 17.92
C LEU A 554 37.72 10.85 18.74
N ASP A 555 37.86 10.63 20.04
CA ASP A 555 36.71 10.63 20.94
C ASP A 555 36.22 12.07 21.05
N CYS A 556 35.13 12.37 20.37
CA CYS A 556 34.56 13.71 20.34
C CYS A 556 34.20 14.33 21.68
N LEU A 557 33.91 13.50 22.67
CA LEU A 557 33.54 14.02 23.99
C LEU A 557 34.75 14.35 24.86
N THR A 558 35.80 13.54 24.76
CA THR A 558 37.00 13.76 25.57
C THR A 558 38.21 14.29 24.79
N GLY A 559 38.24 14.02 23.49
CA GLY A 559 39.35 14.50 22.69
C GLY A 559 40.52 13.54 22.70
N GLU A 560 40.29 12.36 23.27
CA GLU A 560 41.31 11.33 23.34
C GLU A 560 41.51 10.76 21.95
N GLU A 561 42.75 10.40 21.64
CA GLU A 561 43.08 9.84 20.34
C GLU A 561 43.25 8.33 20.44
N VAL A 562 42.62 7.59 19.52
CA VAL A 562 42.70 6.13 19.50
C VAL A 562 43.22 5.64 18.15
N HIS A 563 43.92 4.51 18.17
CA HIS A 563 44.51 3.95 16.96
C HIS A 563 44.22 2.46 16.76
N GLY A 564 44.23 2.03 15.50
CA GLY A 564 43.98 0.64 15.19
C GLY A 564 45.25 -0.14 14.90
N LYS A 565 45.40 -1.29 15.56
CA LYS A 565 46.56 -2.14 15.36
C LYS A 565 46.16 -3.45 14.70
N GLN A 566 46.47 -3.55 13.41
CA GLN A 566 46.16 -4.75 12.64
C GLN A 566 44.65 -4.92 12.50
N GLY A 567 43.94 -3.79 12.37
CA GLY A 567 42.49 -3.84 12.20
C GLY A 567 41.61 -4.05 13.42
N GLN A 568 42.19 -3.92 14.61
CA GLN A 568 41.42 -4.07 15.84
C GLN A 568 41.64 -2.91 16.80
N LEU A 569 40.55 -2.36 17.30
CA LEU A 569 40.64 -1.24 18.23
C LEU A 569 40.25 -1.67 19.64
N LYS A 570 41.14 -1.42 20.59
CA LYS A 570 40.88 -1.79 21.98
C LYS A 570 40.52 -0.57 22.81
N LEU A 571 39.33 -0.61 23.40
CA LEU A 571 38.85 0.49 24.22
C LEU A 571 38.58 0.04 25.64
N THR A 572 38.65 1.00 26.55
CA THR A 572 38.37 0.74 27.96
C THR A 572 37.44 1.87 28.41
N LEU A 573 36.25 1.51 28.86
CA LEU A 573 35.29 2.52 29.30
C LEU A 573 34.92 2.38 30.77
N ARG A 574 34.64 3.51 31.40
CA ARG A 574 34.25 3.51 32.80
C ARG A 574 32.80 3.09 32.86
N PRO A 575 32.27 2.87 34.06
CA PRO A 575 30.87 2.46 34.14
C PRO A 575 29.96 3.41 33.37
N TYR A 576 29.03 2.83 32.64
CA TYR A 576 28.06 3.58 31.85
C TYR A 576 28.64 4.61 30.90
N GLN A 577 29.87 4.40 30.45
CA GLN A 577 30.45 5.36 29.54
C GLN A 577 30.12 5.13 28.07
N GLY A 578 30.24 6.21 27.30
CA GLY A 578 29.98 6.16 25.88
C GLY A 578 30.94 7.08 25.16
N MET A 579 31.60 6.57 24.12
CA MET A 579 32.55 7.34 23.32
C MET A 579 31.96 7.58 21.93
N ILE A 580 32.20 8.77 21.39
CA ILE A 580 31.71 9.12 20.06
C ILE A 580 32.96 9.30 19.19
N LEU A 581 33.34 8.25 18.47
CA LEU A 581 34.55 8.24 17.63
C LEU A 581 34.46 8.69 16.18
N TRP A 582 35.04 9.85 15.88
CA TRP A 582 35.04 10.44 14.54
C TRP A 582 36.29 10.03 13.77
N ASN A 583 36.12 9.60 12.52
CA ASN A 583 37.25 9.15 11.70
C ASN A 583 37.94 10.31 10.99
N GLY A 584 37.65 11.52 11.43
CA GLY A 584 38.28 12.68 10.85
C GLY A 584 37.92 13.04 9.42
N ARG A 585 37.21 12.17 8.71
CA ARG A 585 36.83 12.48 7.32
C ARG A 585 35.45 13.14 7.25
N MET B 1 7.90 -25.59 13.51
CA MET B 1 7.47 -24.79 12.33
C MET B 1 8.46 -23.67 12.00
N LEU B 2 8.51 -23.26 10.73
CA LEU B 2 9.41 -22.21 10.29
C LEU B 2 8.74 -20.83 10.41
N LEU B 3 8.90 -20.21 11.57
CA LEU B 3 8.29 -18.91 11.85
C LEU B 3 8.65 -17.82 10.83
N GLU B 4 9.86 -17.86 10.30
CA GLU B 4 10.30 -16.86 9.33
C GLU B 4 9.52 -16.95 8.01
N ALA B 5 8.62 -17.93 7.89
CA ALA B 5 7.82 -18.10 6.67
C ALA B 5 6.35 -17.74 6.86
N ILE B 6 6.02 -17.27 8.06
CA ILE B 6 4.66 -16.87 8.41
C ILE B 6 4.51 -15.39 8.06
N PHE B 7 3.40 -15.02 7.43
CA PHE B 7 3.20 -13.62 7.06
C PHE B 7 1.83 -12.99 7.31
N HIS B 8 1.86 -11.70 7.60
CA HIS B 8 0.66 -10.90 7.81
C HIS B 8 0.98 -9.42 7.94
N GLU B 9 0.06 -8.58 7.49
CA GLU B 9 0.21 -7.15 7.62
C GLU B 9 -1.20 -6.64 7.78
N ALA B 10 -1.38 -5.62 8.58
CA ALA B 10 -2.71 -5.10 8.80
C ALA B 10 -3.13 -4.14 7.70
N LYS B 11 -3.19 -4.66 6.47
CA LYS B 11 -3.58 -3.86 5.30
C LYS B 11 -3.38 -4.64 4.00
N GLY B 12 -3.41 -3.92 2.88
CA GLY B 12 -3.24 -4.55 1.58
C GLY B 12 -4.27 -5.64 1.37
N SER B 13 -3.79 -6.84 1.07
CA SER B 13 -4.70 -7.95 0.86
C SER B 13 -4.55 -8.99 1.97
N TYR B 14 -4.14 -8.53 3.15
CA TYR B 14 -4.00 -9.42 4.29
C TYR B 14 -4.88 -9.01 5.47
N ALA B 15 -5.42 -7.80 5.38
CA ALA B 15 -6.36 -7.29 6.37
C ALA B 15 -7.02 -6.12 5.66
N TYR B 16 -8.30 -6.31 5.32
CA TYR B 16 -9.07 -5.30 4.63
C TYR B 16 -10.52 -5.49 5.01
N PRO B 17 -11.30 -4.41 5.05
CA PRO B 17 -12.72 -4.54 5.42
C PRO B 17 -13.66 -5.03 4.30
N ILE B 18 -14.68 -5.80 4.67
CA ILE B 18 -15.65 -6.28 3.70
C ILE B 18 -16.96 -5.54 3.93
N SER B 19 -17.05 -4.87 5.08
CA SER B 19 -18.22 -4.08 5.46
C SER B 19 -17.69 -2.99 6.36
N GLU B 20 -18.57 -2.27 7.06
CA GLU B 20 -18.08 -1.21 7.92
C GLU B 20 -17.76 -1.68 9.34
N THR B 21 -18.20 -2.89 9.67
CA THR B 21 -17.93 -3.44 10.99
C THR B 21 -17.33 -4.83 10.88
N GLN B 22 -16.89 -5.20 9.69
CA GLN B 22 -16.31 -6.52 9.49
C GLN B 22 -14.97 -6.48 8.76
N LEU B 23 -13.95 -7.06 9.39
CA LEU B 23 -12.61 -7.08 8.83
C LEU B 23 -12.18 -8.48 8.45
N ARG B 24 -11.66 -8.62 7.24
CA ARG B 24 -11.16 -9.89 6.75
C ARG B 24 -9.67 -9.92 7.01
N VAL B 25 -9.13 -11.03 7.50
CA VAL B 25 -7.68 -11.11 7.71
C VAL B 25 -7.15 -12.44 7.16
N ARG B 26 -5.93 -12.39 6.62
CA ARG B 26 -5.31 -13.57 6.02
C ARG B 26 -3.92 -13.81 6.53
N LEU B 27 -3.55 -15.08 6.70
CA LEU B 27 -2.22 -15.42 7.16
C LEU B 27 -1.63 -16.52 6.25
N ARG B 28 -0.37 -16.30 5.87
CA ARG B 28 0.37 -17.19 4.99
C ARG B 28 1.47 -17.87 5.81
N ALA B 29 1.59 -19.19 5.68
CA ALA B 29 2.61 -19.94 6.40
C ALA B 29 3.16 -21.06 5.51
N LYS B 30 4.34 -21.56 5.84
CA LYS B 30 4.93 -22.66 5.08
C LYS B 30 3.95 -23.82 5.12
N LYS B 31 3.73 -24.42 3.96
CA LYS B 31 2.79 -25.53 3.82
C LYS B 31 3.07 -26.67 4.79
N GLY B 32 2.12 -26.93 5.68
CA GLY B 32 2.25 -28.00 6.64
C GLY B 32 2.58 -27.59 8.06
N ASP B 33 3.26 -26.46 8.23
CA ASP B 33 3.65 -25.99 9.56
C ASP B 33 2.52 -25.67 10.51
N VAL B 34 1.44 -25.07 10.00
CA VAL B 34 0.31 -24.69 10.84
C VAL B 34 -0.91 -25.56 10.56
N VAL B 35 -1.55 -26.06 11.61
CA VAL B 35 -2.71 -26.93 11.45
C VAL B 35 -3.99 -26.37 12.04
N ARG B 36 -3.89 -25.23 12.70
CA ARG B 36 -5.04 -24.56 13.28
C ARG B 36 -4.67 -23.11 13.49
N CYS B 37 -5.44 -22.22 12.86
CA CYS B 37 -5.18 -20.79 12.97
C CYS B 37 -6.36 -20.15 13.63
N GLU B 38 -6.09 -19.49 14.75
CA GLU B 38 -7.15 -18.81 15.49
C GLU B 38 -6.78 -17.36 15.77
N VAL B 39 -7.77 -16.47 15.74
CA VAL B 39 -7.51 -15.06 16.01
C VAL B 39 -8.27 -14.60 17.23
N LEU B 40 -7.53 -14.05 18.19
CA LEU B 40 -8.09 -13.51 19.43
C LEU B 40 -7.99 -12.01 19.20
N TYR B 41 -9.11 -11.31 19.39
CA TYR B 41 -9.13 -9.86 19.13
C TYR B 41 -10.10 -9.05 19.99
N ALA B 42 -9.97 -7.73 19.93
CA ALA B 42 -10.83 -6.85 20.71
C ALA B 42 -10.76 -5.43 20.16
N ASP B 43 -11.55 -4.53 20.76
CA ASP B 43 -11.56 -3.14 20.35
C ASP B 43 -10.22 -2.58 20.76
N ARG B 44 -9.64 -1.70 19.95
CA ARG B 44 -8.34 -1.15 20.25
C ARG B 44 -8.20 -0.53 21.64
N TYR B 45 -9.30 -0.12 22.26
CA TYR B 45 -9.25 0.47 23.60
C TYR B 45 -9.81 -0.42 24.71
N ALA B 46 -10.04 -1.69 24.40
CA ALA B 46 -10.58 -2.63 25.37
C ALA B 46 -9.61 -2.92 26.51
N SER B 47 -10.14 -2.97 27.73
CA SER B 47 -9.34 -3.23 28.93
C SER B 47 -8.81 -4.66 29.03
N PRO B 48 -7.61 -4.82 29.61
CA PRO B 48 -6.99 -6.13 29.77
C PRO B 48 -7.95 -7.11 30.44
N GLU B 49 -8.61 -6.65 31.49
CA GLU B 49 -9.54 -7.50 32.21
C GLU B 49 -10.77 -7.88 31.37
N GLU B 50 -10.78 -7.50 30.09
CA GLU B 50 -11.91 -7.85 29.21
C GLU B 50 -11.60 -9.11 28.41
N GLU B 51 -12.58 -10.00 28.33
CA GLU B 51 -12.43 -11.25 27.60
C GLU B 51 -12.23 -10.95 26.11
N LEU B 52 -11.39 -11.73 25.44
CA LEU B 52 -11.13 -11.53 24.02
C LEU B 52 -12.13 -12.30 23.17
N ALA B 53 -12.41 -11.78 21.98
CA ALA B 53 -13.31 -12.44 21.05
C ALA B 53 -12.50 -13.47 20.25
N HIS B 54 -13.16 -14.52 19.79
CA HIS B 54 -12.48 -15.56 19.03
C HIS B 54 -12.98 -15.61 17.59
N ALA B 55 -12.17 -16.25 16.74
CA ALA B 55 -12.52 -16.41 15.33
C ALA B 55 -11.59 -17.41 14.67
N LEU B 56 -12.13 -18.58 14.34
CA LEU B 56 -11.31 -19.60 13.70
C LEU B 56 -11.05 -19.21 12.26
N ALA B 57 -9.79 -19.23 11.85
CA ALA B 57 -9.43 -18.91 10.48
C ALA B 57 -9.26 -20.21 9.76
N GLY B 58 -10.09 -20.48 8.76
CA GLY B 58 -9.95 -21.72 8.04
C GLY B 58 -8.84 -21.67 6.99
N LYS B 59 -8.36 -22.83 6.57
CA LYS B 59 -7.33 -22.89 5.54
C LYS B 59 -8.09 -22.65 4.25
N ALA B 60 -7.88 -21.50 3.63
CA ALA B 60 -8.60 -21.13 2.42
C ALA B 60 -7.92 -21.58 1.14
N GLY B 61 -6.71 -22.09 1.26
CA GLY B 61 -5.99 -22.53 0.09
C GLY B 61 -4.55 -22.87 0.42
N SER B 62 -3.89 -23.49 -0.55
CA SER B 62 -2.50 -23.88 -0.42
C SER B 62 -1.92 -23.81 -1.82
N ASP B 63 -0.72 -23.30 -1.97
CA ASP B 63 -0.13 -23.30 -3.29
C ASP B 63 1.10 -24.20 -3.23
N GLU B 64 2.06 -24.01 -4.12
CA GLU B 64 3.22 -24.88 -4.08
C GLU B 64 4.03 -24.84 -2.81
N ARG B 65 4.20 -23.66 -2.22
CA ARG B 65 4.99 -23.56 -1.00
C ARG B 65 4.27 -23.17 0.30
N PHE B 66 3.10 -22.56 0.22
CA PHE B 66 2.40 -22.14 1.43
C PHE B 66 0.95 -22.58 1.59
N ASP B 67 0.45 -22.32 2.79
CA ASP B 67 -0.95 -22.56 3.12
C ASP B 67 -1.48 -21.16 3.40
N TYR B 68 -2.78 -20.95 3.20
CA TYR B 68 -3.36 -19.64 3.45
C TYR B 68 -4.57 -19.81 4.35
N PHE B 69 -4.61 -19.03 5.43
CA PHE B 69 -5.73 -19.09 6.38
C PHE B 69 -6.48 -17.76 6.33
N GLU B 70 -7.80 -17.83 6.47
CA GLU B 70 -8.61 -16.63 6.40
C GLU B 70 -9.63 -16.59 7.51
N ALA B 71 -9.78 -15.42 8.13
CA ALA B 71 -10.75 -15.27 9.22
C ALA B 71 -11.51 -13.96 9.06
N LEU B 72 -12.68 -13.89 9.69
CA LEU B 72 -13.51 -12.69 9.62
C LEU B 72 -13.71 -12.16 11.02
N LEU B 73 -13.34 -10.90 11.23
CA LEU B 73 -13.46 -10.25 12.53
C LEU B 73 -14.67 -9.29 12.62
N GLU B 74 -15.54 -9.50 13.60
CA GLU B 74 -16.71 -8.65 13.77
C GLU B 74 -16.30 -7.50 14.67
N CYS B 75 -16.27 -6.30 14.11
CA CYS B 75 -15.85 -5.12 14.85
C CYS B 75 -16.93 -4.07 15.04
N SER B 76 -17.74 -4.23 16.08
CA SER B 76 -18.81 -3.29 16.39
C SER B 76 -18.30 -1.86 16.52
N THR B 77 -17.10 -1.71 17.08
CA THR B 77 -16.49 -0.39 17.29
C THR B 77 -15.80 0.15 16.06
N LYS B 78 -15.63 -0.67 15.04
CA LYS B 78 -14.95 -0.26 13.82
C LYS B 78 -13.44 -0.06 14.07
N ARG B 79 -12.97 -0.52 15.22
CA ARG B 79 -11.56 -0.43 15.61
C ARG B 79 -11.14 -1.80 16.17
N VAL B 80 -10.04 -2.37 15.70
CA VAL B 80 -9.69 -3.70 16.18
C VAL B 80 -8.20 -3.98 16.34
N LYS B 81 -7.86 -4.74 17.39
CA LYS B 81 -6.49 -5.18 17.64
C LYS B 81 -6.59 -6.70 17.79
N TYR B 82 -5.61 -7.42 17.25
CA TYR B 82 -5.63 -8.87 17.29
C TYR B 82 -4.27 -9.57 17.24
N VAL B 83 -4.27 -10.83 17.66
CA VAL B 83 -3.06 -11.66 17.66
C VAL B 83 -3.48 -13.06 17.18
N PHE B 84 -2.55 -13.83 16.63
CA PHE B 84 -2.88 -15.17 16.15
C PHE B 84 -2.38 -16.27 17.10
N LEU B 85 -3.13 -17.37 17.17
CA LEU B 85 -2.77 -18.54 17.99
C LEU B 85 -2.49 -19.66 16.99
N LEU B 86 -1.21 -19.88 16.71
CA LEU B 86 -0.82 -20.89 15.75
C LEU B 86 -0.50 -22.20 16.42
N THR B 87 -1.08 -23.27 15.90
CA THR B 87 -0.87 -24.61 16.45
C THR B 87 -0.19 -25.45 15.39
N GLY B 88 0.95 -26.04 15.77
CA GLY B 88 1.71 -26.87 14.84
C GLY B 88 1.22 -28.31 14.73
N PRO B 89 1.88 -29.12 13.91
CA PRO B 89 1.55 -30.54 13.68
C PRO B 89 1.84 -31.38 14.91
N GLN B 90 2.76 -30.90 15.75
CA GLN B 90 3.13 -31.61 16.96
C GLN B 90 2.55 -30.96 18.21
N GLY B 91 1.48 -30.18 18.05
CA GLY B 91 0.83 -29.55 19.19
C GLY B 91 1.42 -28.26 19.72
N GLU B 92 2.64 -27.93 19.32
CA GLU B 92 3.28 -26.71 19.77
C GLU B 92 2.45 -25.50 19.39
N ALA B 93 2.16 -24.65 20.38
CA ALA B 93 1.35 -23.45 20.21
C ALA B 93 2.25 -22.22 20.16
N VAL B 94 1.92 -21.28 19.28
CA VAL B 94 2.73 -20.08 19.13
C VAL B 94 1.87 -18.87 18.82
N TYR B 95 2.01 -17.81 19.59
CA TYR B 95 1.25 -16.60 19.33
C TYR B 95 2.02 -15.75 18.31
N PHE B 96 1.28 -14.93 17.58
CA PHE B 96 1.85 -14.08 16.54
C PHE B 96 1.20 -12.71 16.44
N GLY B 97 1.94 -11.67 16.83
CA GLY B 97 1.42 -10.32 16.77
C GLY B 97 2.41 -9.33 16.17
N GLU B 98 2.16 -8.04 16.34
CA GLU B 98 3.07 -7.07 15.79
C GLU B 98 4.49 -7.23 16.34
N THR B 99 4.61 -7.54 17.62
CA THR B 99 5.91 -7.70 18.27
C THR B 99 6.72 -8.85 17.69
N GLY B 100 6.04 -9.97 17.44
CA GLY B 100 6.69 -11.15 16.89
C GLY B 100 6.08 -12.46 17.38
N PHE B 101 6.91 -13.47 17.58
CA PHE B 101 6.42 -14.78 18.04
C PHE B 101 6.74 -15.03 19.49
N SER B 102 5.83 -15.69 20.19
CA SER B 102 6.04 -16.01 21.60
C SER B 102 5.14 -17.11 22.11
N ALA B 103 5.58 -17.82 23.15
CA ALA B 103 4.77 -18.86 23.73
C ALA B 103 3.72 -18.17 24.58
N GLU B 104 3.97 -16.89 24.90
CA GLU B 104 3.06 -16.07 25.70
C GLU B 104 2.29 -15.08 24.83
N ARG B 105 1.00 -14.94 25.10
CA ARG B 105 0.15 -14.03 24.34
C ARG B 105 0.56 -12.57 24.44
N SER B 106 0.86 -12.13 25.66
CA SER B 106 1.22 -10.74 25.87
C SER B 106 2.52 -10.30 25.21
N LYS B 107 3.44 -11.22 24.96
CA LYS B 107 4.72 -10.83 24.37
C LYS B 107 4.77 -10.83 22.85
N ALA B 108 3.74 -11.40 22.24
CA ALA B 108 3.67 -11.47 20.79
C ALA B 108 3.16 -10.14 20.26
N GLY B 109 2.62 -9.33 21.17
CA GLY B 109 2.10 -8.04 20.78
C GLY B 109 0.75 -8.20 20.12
N VAL B 110 0.34 -7.19 19.37
CA VAL B 110 -0.97 -7.23 18.74
C VAL B 110 -1.05 -6.37 17.46
N PHE B 111 -1.58 -6.93 16.38
CA PHE B 111 -1.73 -6.19 15.13
C PHE B 111 -2.89 -5.22 15.32
N GLN B 112 -2.87 -4.12 14.58
CA GLN B 112 -3.93 -3.14 14.72
C GLN B 112 -4.48 -2.57 13.43
N TYR B 113 -5.80 -2.67 13.26
CA TYR B 113 -6.46 -2.07 12.12
C TYR B 113 -7.14 -0.88 12.81
N ALA B 114 -6.43 0.25 12.79
CA ALA B 114 -6.83 1.50 13.44
C ALA B 114 -8.30 1.88 13.46
N TYR B 115 -8.92 2.01 12.29
CA TYR B 115 -10.33 2.38 12.21
C TYR B 115 -10.87 2.05 10.82
N ILE B 116 -12.14 1.63 10.76
CA ILE B 116 -12.77 1.25 9.50
C ILE B 116 -13.70 2.34 9.00
N HIS B 117 -13.22 3.18 8.10
CA HIS B 117 -14.05 4.22 7.53
C HIS B 117 -14.84 3.54 6.43
N ARG B 118 -16.13 3.85 6.29
CA ARG B 118 -16.92 3.19 5.26
C ARG B 118 -16.53 3.61 3.84
N SER B 119 -15.90 4.76 3.70
CA SER B 119 -15.50 5.24 2.39
C SER B 119 -14.31 4.45 1.86
N GLU B 120 -13.77 3.57 2.67
CA GLU B 120 -12.62 2.77 2.23
C GLU B 120 -12.95 1.31 2.10
N VAL B 121 -14.22 0.96 2.13
CA VAL B 121 -14.61 -0.43 1.95
C VAL B 121 -14.70 -0.66 0.45
N PHE B 122 -13.75 -1.42 -0.09
CA PHE B 122 -13.70 -1.71 -1.54
C PHE B 122 -15.08 -2.05 -2.08
N THR B 123 -15.55 -1.25 -3.03
CA THR B 123 -16.87 -1.46 -3.61
C THR B 123 -16.81 -1.48 -5.13
N THR B 124 -17.55 -2.40 -5.74
CA THR B 124 -17.57 -2.54 -7.19
C THR B 124 -19.00 -2.59 -7.67
N PRO B 125 -19.23 -2.36 -8.97
CA PRO B 125 -20.60 -2.39 -9.51
C PRO B 125 -21.24 -3.78 -9.44
N GLU B 126 -22.51 -3.80 -9.08
CA GLU B 126 -23.27 -5.02 -8.96
C GLU B 126 -23.36 -5.81 -10.25
N TRP B 127 -23.71 -5.15 -11.36
CA TRP B 127 -23.86 -5.85 -12.62
C TRP B 127 -22.60 -6.57 -13.07
N ALA B 128 -21.43 -5.99 -12.79
CA ALA B 128 -20.17 -6.61 -13.20
C ALA B 128 -19.79 -7.77 -12.29
N LYS B 129 -20.57 -7.97 -11.23
CA LYS B 129 -20.35 -9.06 -10.29
C LYS B 129 -20.81 -10.36 -10.91
N GLU B 130 -21.61 -10.25 -11.97
CA GLU B 130 -22.13 -11.42 -12.65
C GLU B 130 -22.30 -11.16 -14.13
N ALA B 131 -21.23 -10.72 -14.78
CA ALA B 131 -21.26 -10.42 -16.20
C ALA B 131 -20.48 -11.42 -17.03
N VAL B 132 -20.66 -11.29 -18.35
CA VAL B 132 -19.95 -12.09 -19.34
C VAL B 132 -19.62 -11.07 -20.43
N ILE B 133 -18.38 -10.63 -20.44
CA ILE B 133 -17.91 -9.65 -21.40
C ILE B 133 -17.53 -10.26 -22.74
N TYR B 134 -17.92 -9.58 -23.81
CA TYR B 134 -17.60 -10.02 -25.16
C TYR B 134 -16.70 -8.93 -25.73
N GLN B 135 -15.51 -9.31 -26.18
CA GLN B 135 -14.58 -8.33 -26.73
C GLN B 135 -14.72 -8.14 -28.22
N ILE B 136 -15.00 -6.91 -28.63
CA ILE B 136 -15.18 -6.59 -30.05
C ILE B 136 -14.05 -5.74 -30.62
N PHE B 137 -13.43 -6.25 -31.67
CA PHE B 137 -12.36 -5.55 -32.37
C PHE B 137 -13.07 -4.94 -33.59
N PRO B 138 -13.66 -3.75 -33.41
CA PRO B 138 -14.40 -2.96 -34.41
C PRO B 138 -14.07 -3.07 -35.90
N GLU B 139 -12.79 -3.09 -36.25
CA GLU B 139 -12.42 -3.15 -37.66
C GLU B 139 -12.54 -4.52 -38.33
N ARG B 140 -13.00 -5.53 -37.60
CA ARG B 140 -13.08 -6.86 -38.20
C ARG B 140 -14.26 -7.71 -37.73
N PHE B 141 -15.26 -7.06 -37.13
CA PHE B 141 -16.44 -7.77 -36.61
C PHE B 141 -17.59 -7.86 -37.60
N ALA B 142 -18.12 -6.71 -37.98
CA ALA B 142 -19.24 -6.65 -38.93
C ALA B 142 -19.26 -5.32 -39.68
N ASN B 143 -19.31 -5.38 -41.01
CA ASN B 143 -19.33 -4.18 -41.84
C ASN B 143 -20.76 -3.75 -42.14
N GLY B 144 -21.37 -3.03 -41.21
CA GLY B 144 -22.75 -2.60 -41.42
C GLY B 144 -22.95 -1.46 -42.40
N ASP B 145 -21.85 -0.82 -42.82
CA ASP B 145 -21.92 0.28 -43.77
C ASP B 145 -20.65 0.39 -44.61
N PRO B 146 -20.75 0.14 -45.92
CA PRO B 146 -19.63 0.19 -46.87
C PRO B 146 -19.21 1.56 -47.39
N SER B 147 -20.12 2.53 -47.32
CA SER B 147 -19.82 3.87 -47.79
C SER B 147 -18.78 4.56 -46.91
N ASN B 148 -18.31 3.84 -45.89
CA ASN B 148 -17.30 4.38 -44.97
C ASN B 148 -16.04 3.50 -44.95
N ASP B 149 -16.00 2.50 -45.84
CA ASP B 149 -14.85 1.60 -45.89
C ASP B 149 -13.61 2.30 -46.38
N PRO B 150 -12.50 2.16 -45.65
CA PRO B 150 -11.25 2.79 -46.03
C PRO B 150 -10.82 2.24 -47.37
N PRO B 151 -10.23 3.08 -48.24
CA PRO B 151 -9.78 2.62 -49.55
C PRO B 151 -8.75 1.49 -49.41
N GLY B 152 -9.04 0.34 -50.00
CA GLY B 152 -8.12 -0.78 -49.93
C GLY B 152 -8.70 -2.01 -49.25
N THR B 153 -10.02 -2.00 -49.04
CA THR B 153 -10.71 -3.13 -48.39
C THR B 153 -10.48 -4.41 -49.16
N GLU B 154 -10.57 -5.54 -48.46
CA GLU B 154 -10.39 -6.86 -49.09
C GLU B 154 -11.67 -7.67 -49.02
N GLN B 155 -11.59 -8.92 -49.46
CA GLN B 155 -12.75 -9.82 -49.47
C GLN B 155 -13.06 -10.33 -48.07
N TRP B 156 -14.25 -10.01 -47.57
CA TRP B 156 -14.66 -10.48 -46.25
C TRP B 156 -14.93 -11.96 -46.40
N ALA B 157 -13.88 -12.77 -46.28
CA ALA B 157 -14.01 -14.22 -46.42
C ALA B 157 -13.30 -15.00 -45.34
N LYS B 158 -13.75 -16.24 -45.17
CA LYS B 158 -13.20 -17.15 -44.18
C LYS B 158 -11.75 -17.51 -44.52
N ASP B 159 -11.44 -17.59 -45.81
CA ASP B 159 -10.10 -17.94 -46.24
C ASP B 159 -9.07 -16.80 -46.19
N ALA B 160 -9.51 -15.59 -45.84
CA ALA B 160 -8.59 -14.47 -45.78
C ALA B 160 -7.50 -14.70 -44.72
N ARG B 161 -6.28 -14.25 -45.01
CA ARG B 161 -5.18 -14.39 -44.08
C ARG B 161 -4.45 -13.05 -43.97
N PRO B 162 -5.07 -12.10 -43.26
CA PRO B 162 -4.62 -10.71 -43.00
C PRO B 162 -3.13 -10.45 -42.86
N ARG B 163 -2.73 -9.25 -43.32
CA ARG B 163 -1.36 -8.79 -43.23
C ARG B 163 -1.41 -7.67 -42.21
N HIS B 164 -0.27 -7.03 -41.95
CA HIS B 164 -0.25 -5.97 -40.96
C HIS B 164 -1.02 -4.69 -41.28
N ASP B 165 -1.32 -4.45 -42.55
CA ASP B 165 -2.04 -3.23 -42.91
C ASP B 165 -3.40 -3.50 -43.57
N SER B 166 -3.92 -4.72 -43.41
CA SER B 166 -5.21 -5.07 -43.99
C SER B 166 -6.34 -4.19 -43.46
N PHE B 167 -7.45 -4.17 -44.20
CA PHE B 167 -8.63 -3.37 -43.83
C PHE B 167 -9.88 -4.06 -44.40
N TYR B 168 -10.89 -4.28 -43.55
CA TYR B 168 -12.12 -4.95 -43.98
C TYR B 168 -13.41 -4.14 -43.82
N GLY B 169 -13.26 -2.85 -43.51
CA GLY B 169 -14.40 -1.96 -43.37
C GLY B 169 -15.40 -2.11 -42.24
N GLY B 170 -15.13 -3.00 -41.28
CA GLY B 170 -16.05 -3.18 -40.18
C GLY B 170 -16.31 -1.88 -39.43
N ASP B 171 -17.53 -1.72 -38.92
CA ASP B 171 -17.88 -0.49 -38.18
C ASP B 171 -19.00 -0.69 -37.17
N LEU B 172 -19.48 0.42 -36.61
CA LEU B 172 -20.53 0.38 -35.62
C LEU B 172 -21.87 -0.17 -36.13
N LYS B 173 -22.30 0.33 -37.29
CA LYS B 173 -23.57 -0.11 -37.87
C LYS B 173 -23.59 -1.64 -37.91
N GLY B 174 -22.43 -2.23 -38.14
CA GLY B 174 -22.36 -3.69 -38.17
C GLY B 174 -22.73 -4.23 -36.79
N VAL B 175 -22.03 -3.75 -35.76
CA VAL B 175 -22.30 -4.20 -34.40
C VAL B 175 -23.79 -4.09 -34.09
N ILE B 176 -24.39 -2.97 -34.46
CA ILE B 176 -25.82 -2.74 -34.23
C ILE B 176 -26.65 -3.82 -34.91
N ASP B 177 -26.30 -4.15 -36.15
CA ASP B 177 -27.01 -5.17 -36.91
C ASP B 177 -26.83 -6.56 -36.32
N ARG B 178 -25.72 -6.78 -35.60
CA ARG B 178 -25.44 -8.08 -35.01
C ARG B 178 -25.93 -8.26 -33.58
N LEU B 179 -26.34 -7.16 -32.95
CA LEU B 179 -26.81 -7.23 -31.57
C LEU B 179 -27.68 -8.46 -31.27
N PRO B 180 -28.56 -8.86 -32.21
CA PRO B 180 -29.40 -10.03 -31.98
C PRO B 180 -28.56 -11.27 -31.71
N TYR B 181 -27.53 -11.43 -32.53
CA TYR B 181 -26.61 -12.55 -32.39
C TYR B 181 -26.09 -12.53 -30.95
N LEU B 182 -25.53 -11.39 -30.57
CA LEU B 182 -24.97 -11.19 -29.24
C LEU B 182 -25.98 -11.42 -28.12
N GLU B 183 -27.20 -10.90 -28.26
CA GLU B 183 -28.22 -11.09 -27.23
C GLU B 183 -28.52 -12.59 -27.10
N GLU B 184 -28.44 -13.31 -28.22
CA GLU B 184 -28.70 -14.74 -28.20
C GLU B 184 -27.54 -15.44 -27.47
N LEU B 185 -26.35 -14.87 -27.60
CA LEU B 185 -25.16 -15.43 -26.98
C LEU B 185 -25.24 -15.36 -25.46
N GLY B 186 -25.87 -14.30 -24.96
CA GLY B 186 -25.98 -14.14 -23.52
C GLY B 186 -25.01 -13.16 -22.91
N VAL B 187 -24.14 -12.56 -23.71
CA VAL B 187 -23.17 -11.61 -23.15
C VAL B 187 -23.93 -10.45 -22.53
N THR B 188 -23.39 -9.92 -21.44
CA THR B 188 -24.03 -8.81 -20.75
C THR B 188 -23.29 -7.49 -20.99
N ALA B 189 -22.12 -7.56 -21.61
CA ALA B 189 -21.37 -6.35 -21.88
C ALA B 189 -20.43 -6.46 -23.07
N LEU B 190 -20.28 -5.36 -23.78
CA LEU B 190 -19.44 -5.29 -24.96
C LEU B 190 -18.21 -4.44 -24.69
N TYR B 191 -17.03 -5.03 -24.89
CA TYR B 191 -15.77 -4.34 -24.69
C TYR B 191 -15.10 -4.07 -26.02
N PHE B 192 -15.17 -2.81 -26.46
CA PHE B 192 -14.55 -2.40 -27.72
C PHE B 192 -13.10 -2.03 -27.47
N THR B 193 -12.28 -2.27 -28.49
CA THR B 193 -10.88 -1.90 -28.44
C THR B 193 -10.98 -0.40 -28.85
N PRO B 194 -9.89 0.24 -29.29
CA PRO B 194 -10.15 1.66 -29.62
C PRO B 194 -11.02 1.95 -30.85
N ILE B 195 -11.96 2.88 -30.68
CA ILE B 195 -12.83 3.28 -31.78
C ILE B 195 -12.78 4.79 -32.01
N PHE B 196 -11.83 5.45 -31.35
CA PHE B 196 -11.66 6.89 -31.48
C PHE B 196 -10.87 7.21 -32.74
N ALA B 197 -11.15 8.37 -33.32
CA ALA B 197 -10.50 8.83 -34.54
C ALA B 197 -8.97 8.72 -34.51
N SER B 198 -8.43 7.86 -35.37
CA SER B 198 -6.98 7.65 -35.48
C SER B 198 -6.59 7.16 -36.87
N PRO B 199 -5.39 7.56 -37.32
CA PRO B 199 -4.89 7.17 -38.64
C PRO B 199 -4.20 5.83 -38.51
N SER B 200 -4.96 4.78 -38.23
CA SER B 200 -4.37 3.47 -38.09
C SER B 200 -5.39 2.34 -38.19
N HIS B 201 -4.88 1.12 -38.32
CA HIS B 201 -5.71 -0.06 -38.43
C HIS B 201 -5.96 -0.62 -37.03
N HIS B 202 -5.38 0.02 -36.02
CA HIS B 202 -5.52 -0.40 -34.62
C HIS B 202 -6.04 0.74 -33.72
N LYS B 203 -5.76 1.97 -34.12
CA LYS B 203 -6.20 3.16 -33.40
C LYS B 203 -5.66 3.37 -31.98
N TYR B 204 -4.48 2.83 -31.67
CA TYR B 204 -3.94 3.04 -30.34
C TYR B 204 -3.17 4.34 -30.28
N ASP B 205 -2.92 4.92 -31.45
CA ASP B 205 -2.22 6.19 -31.54
C ASP B 205 -3.30 7.23 -31.82
N THR B 206 -4.07 7.54 -30.78
CA THR B 206 -5.18 8.48 -30.83
C THR B 206 -4.91 9.78 -31.63
N ALA B 207 -5.95 10.33 -32.22
CA ALA B 207 -5.84 11.56 -33.01
C ALA B 207 -6.88 12.58 -32.58
N ASP B 208 -8.01 12.11 -32.09
CA ASP B 208 -9.06 13.01 -31.64
C ASP B 208 -9.91 12.28 -30.60
N TYR B 209 -9.57 12.49 -29.33
CA TYR B 209 -10.27 11.85 -28.22
C TYR B 209 -11.76 12.12 -28.14
N LEU B 210 -12.26 13.06 -28.94
CA LEU B 210 -13.68 13.38 -28.86
C LEU B 210 -14.56 13.01 -30.04
N ALA B 211 -14.01 12.26 -30.99
CA ALA B 211 -14.80 11.86 -32.15
C ALA B 211 -14.55 10.40 -32.52
N ILE B 212 -15.61 9.72 -32.94
CA ILE B 212 -15.50 8.31 -33.35
C ILE B 212 -14.70 8.32 -34.64
N ASP B 213 -14.02 7.21 -34.97
CA ASP B 213 -13.26 7.18 -36.22
C ASP B 213 -14.22 7.05 -37.40
N PRO B 214 -14.12 7.99 -38.36
CA PRO B 214 -14.96 8.05 -39.56
C PRO B 214 -15.24 6.71 -40.25
N GLN B 215 -14.31 5.78 -40.19
CA GLN B 215 -14.54 4.50 -40.85
C GLN B 215 -15.38 3.53 -40.00
N PHE B 216 -15.76 3.97 -38.80
CA PHE B 216 -16.59 3.16 -37.90
C PHE B 216 -17.99 3.75 -37.77
N GLY B 217 -18.09 5.07 -37.94
CA GLY B 217 -19.37 5.75 -37.84
C GLY B 217 -19.26 7.21 -37.39
N ASP B 218 -20.28 7.66 -36.66
CA ASP B 218 -20.34 9.02 -36.16
C ASP B 218 -20.94 8.97 -34.76
N LEU B 219 -21.11 10.12 -34.14
CA LEU B 219 -21.68 10.15 -32.80
C LEU B 219 -23.14 9.68 -32.76
N PRO B 220 -23.97 10.14 -33.72
CA PRO B 220 -25.39 9.74 -33.73
C PRO B 220 -25.55 8.23 -33.79
N THR B 221 -24.69 7.56 -34.55
CA THR B 221 -24.74 6.11 -34.68
C THR B 221 -24.22 5.43 -33.43
N PHE B 222 -23.18 5.98 -32.82
CA PHE B 222 -22.62 5.42 -31.62
C PHE B 222 -23.70 5.41 -30.56
N ARG B 223 -24.43 6.52 -30.46
CA ARG B 223 -25.49 6.61 -29.47
C ARG B 223 -26.56 5.57 -29.74
N ARG B 224 -26.71 5.19 -31.00
CA ARG B 224 -27.71 4.18 -31.37
C ARG B 224 -27.24 2.81 -30.87
N LEU B 225 -25.94 2.56 -30.95
CA LEU B 225 -25.35 1.31 -30.49
C LEU B 225 -25.58 1.18 -29.00
N VAL B 226 -25.32 2.26 -28.28
CA VAL B 226 -25.49 2.29 -26.83
C VAL B 226 -26.93 1.99 -26.40
N ASP B 227 -27.90 2.50 -27.14
CA ASP B 227 -29.32 2.29 -26.83
C ASP B 227 -29.83 0.90 -27.21
N GLU B 228 -29.57 0.49 -28.45
CA GLU B 228 -30.01 -0.83 -28.88
C GLU B 228 -29.38 -1.89 -28.00
N ALA B 229 -28.12 -1.67 -27.64
CA ALA B 229 -27.38 -2.56 -26.77
C ALA B 229 -28.09 -2.65 -25.41
N HIS B 230 -28.21 -1.51 -24.74
CA HIS B 230 -28.86 -1.43 -23.43
C HIS B 230 -30.24 -2.06 -23.46
N ARG B 231 -30.90 -1.98 -24.61
CA ARG B 231 -32.25 -2.53 -24.76
C ARG B 231 -32.27 -4.06 -24.70
N ARG B 232 -31.16 -4.69 -25.08
CA ARG B 232 -31.10 -6.15 -25.02
C ARG B 232 -30.41 -6.60 -23.74
N GLY B 233 -30.06 -5.63 -22.89
CA GLY B 233 -29.40 -5.94 -21.64
C GLY B 233 -27.89 -6.04 -21.76
N ILE B 234 -27.30 -5.19 -22.60
CA ILE B 234 -25.86 -5.19 -22.86
C ILE B 234 -25.21 -3.84 -22.61
N LYS B 235 -24.14 -3.82 -21.81
CA LYS B 235 -23.40 -2.58 -21.51
C LYS B 235 -22.28 -2.34 -22.52
N ILE B 236 -21.69 -1.16 -22.46
CA ILE B 236 -20.63 -0.78 -23.37
C ILE B 236 -19.39 -0.32 -22.61
N ILE B 237 -18.25 -0.95 -22.88
CA ILE B 237 -16.99 -0.58 -22.24
C ILE B 237 -16.09 -0.12 -23.36
N LEU B 238 -15.50 1.06 -23.19
CA LEU B 238 -14.60 1.56 -24.23
C LEU B 238 -13.16 1.46 -23.76
N ASP B 239 -12.22 1.33 -24.69
CA ASP B 239 -10.81 1.24 -24.34
C ASP B 239 -10.34 2.69 -24.14
N ALA B 240 -9.48 2.92 -23.16
CA ALA B 240 -8.98 4.27 -22.91
C ALA B 240 -7.47 4.32 -22.88
N VAL B 241 -6.87 4.91 -23.91
CA VAL B 241 -5.42 5.06 -23.95
C VAL B 241 -5.12 6.46 -23.45
N PHE B 242 -4.70 6.56 -22.18
CA PHE B 242 -4.39 7.85 -21.58
C PHE B 242 -2.90 8.00 -21.29
N ASN B 243 -2.14 6.91 -21.41
CA ASN B 243 -0.71 6.96 -21.15
C ASN B 243 -0.04 7.77 -22.25
N HIS B 244 -0.50 7.54 -23.47
CA HIS B 244 0.04 8.22 -24.63
C HIS B 244 -1.07 8.66 -25.58
N ALA B 245 -0.72 9.57 -26.49
CA ALA B 245 -1.63 10.08 -27.49
C ALA B 245 -0.93 9.86 -28.82
N GLY B 246 -1.68 9.83 -29.91
CA GLY B 246 -1.08 9.64 -31.23
C GLY B 246 -0.44 10.94 -31.70
N ASP B 247 0.55 10.84 -32.59
CA ASP B 247 1.23 12.04 -33.09
C ASP B 247 0.34 12.93 -33.95
N GLN B 248 -0.89 12.48 -34.19
CA GLN B 248 -1.84 13.27 -34.97
C GLN B 248 -2.69 14.06 -33.99
N PHE B 249 -2.55 13.76 -32.70
CA PHE B 249 -3.28 14.45 -31.64
C PHE B 249 -3.04 15.94 -31.82
N PHE B 250 -4.11 16.74 -31.79
CA PHE B 250 -3.96 18.17 -31.99
C PHE B 250 -2.81 18.80 -31.18
N ALA B 251 -2.94 18.78 -29.85
CA ALA B 251 -1.95 19.38 -28.97
C ALA B 251 -0.50 19.04 -29.32
N PHE B 252 -0.25 17.82 -29.78
CA PHE B 252 1.11 17.44 -30.09
C PHE B 252 1.65 18.03 -31.38
N ARG B 253 0.80 18.15 -32.40
CA ARG B 253 1.23 18.72 -33.66
C ARG B 253 1.55 20.18 -33.43
N ASP B 254 0.80 20.79 -32.51
CA ASP B 254 1.01 22.19 -32.17
C ASP B 254 2.39 22.29 -31.52
N VAL B 255 3.00 21.13 -31.27
CA VAL B 255 4.33 21.06 -30.67
C VAL B 255 5.37 20.90 -31.77
N LEU B 256 5.09 20.00 -32.71
CA LEU B 256 5.99 19.77 -33.82
C LEU B 256 6.01 21.04 -34.66
N GLN B 257 5.00 21.87 -34.47
CA GLN B 257 4.85 23.10 -35.24
C GLN B 257 5.36 24.39 -34.58
N LYS B 258 5.32 24.45 -33.25
CA LYS B 258 5.79 25.64 -32.53
C LYS B 258 7.01 25.40 -31.65
N GLY B 259 7.51 24.17 -31.62
CA GLY B 259 8.67 23.87 -30.80
C GLY B 259 8.51 24.27 -29.35
N GLU B 260 9.58 24.77 -28.75
CA GLU B 260 9.55 25.18 -27.35
C GLU B 260 8.61 26.36 -27.09
N GLN B 261 8.09 26.96 -28.14
CA GLN B 261 7.17 28.08 -27.96
C GLN B 261 5.74 27.56 -28.00
N SER B 262 5.61 26.24 -27.96
CA SER B 262 4.30 25.60 -27.99
C SER B 262 3.64 25.67 -26.61
N ARG B 263 2.39 26.10 -26.60
CA ARG B 263 1.61 26.21 -25.37
C ARG B 263 1.36 24.81 -24.81
N TYR B 264 1.92 23.80 -25.45
CA TYR B 264 1.75 22.42 -25.02
C TYR B 264 3.06 21.63 -24.99
N LYS B 265 4.18 22.32 -24.82
CA LYS B 265 5.48 21.63 -24.79
C LYS B 265 5.66 20.86 -23.49
N ASP B 266 4.91 21.27 -22.46
CA ASP B 266 4.96 20.62 -21.16
C ASP B 266 4.01 19.43 -21.14
N TRP B 267 3.03 19.46 -22.04
CA TRP B 267 2.06 18.39 -22.14
C TRP B 267 2.69 17.04 -22.43
N PHE B 268 3.92 17.06 -22.95
CA PHE B 268 4.63 15.82 -23.26
C PHE B 268 6.04 15.84 -22.68
N PHE B 269 6.77 14.74 -22.89
CA PHE B 269 8.14 14.58 -22.38
C PHE B 269 9.17 14.77 -23.48
N ILE B 270 9.66 16.00 -23.65
CA ILE B 270 10.65 16.30 -24.69
C ILE B 270 12.11 16.27 -24.25
N GLU B 271 12.92 15.52 -24.98
CA GLU B 271 14.35 15.39 -24.70
C GLU B 271 15.09 16.62 -25.22
N ASP B 272 15.08 16.81 -26.54
CA ASP B 272 15.73 17.95 -27.18
C ASP B 272 15.01 18.36 -28.47
N PHE B 273 15.12 19.64 -28.84
CA PHE B 273 14.48 20.18 -30.04
C PHE B 273 15.37 20.11 -31.29
N PRO B 274 14.77 20.26 -32.48
CA PRO B 274 13.34 20.48 -32.71
C PRO B 274 12.53 19.20 -32.54
N VAL B 275 11.21 19.33 -32.50
CA VAL B 275 10.32 18.19 -32.36
C VAL B 275 10.44 17.34 -33.63
N SER B 276 11.47 16.51 -33.69
CA SER B 276 11.73 15.68 -34.87
C SER B 276 10.77 14.54 -35.20
N LYS B 277 10.49 14.42 -36.50
CA LYS B 277 9.64 13.39 -37.05
C LYS B 277 10.60 12.61 -37.94
N THR B 278 11.84 12.51 -37.47
CA THR B 278 12.92 11.84 -38.21
C THR B 278 13.23 10.41 -37.79
N SER B 279 14.33 9.89 -38.33
CA SER B 279 14.81 8.54 -38.07
C SER B 279 15.28 8.43 -36.61
N ARG B 280 14.93 9.43 -35.82
CA ARG B 280 15.29 9.44 -34.41
C ARG B 280 14.19 10.01 -33.52
N THR B 281 13.73 9.18 -32.60
CA THR B 281 12.69 9.56 -31.65
C THR B 281 13.37 10.40 -30.56
N ASN B 282 13.03 11.69 -30.50
CA ASN B 282 13.61 12.58 -29.50
C ASN B 282 12.60 13.08 -28.48
N TYR B 283 11.66 12.19 -28.11
CA TYR B 283 10.64 12.49 -27.11
C TYR B 283 10.07 11.17 -26.57
N GLU B 284 9.65 11.15 -25.31
CA GLU B 284 9.12 9.94 -24.70
C GLU B 284 7.82 9.46 -25.32
N THR B 285 7.79 8.16 -25.64
CA THR B 285 6.63 7.51 -26.24
C THR B 285 6.43 6.13 -25.65
N PHE B 286 5.34 5.48 -26.06
CA PHE B 286 5.02 4.14 -25.61
C PHE B 286 6.22 3.26 -25.97
N ALA B 287 6.41 2.17 -25.24
CA ALA B 287 7.54 1.25 -25.46
C ALA B 287 8.82 2.02 -25.78
N VAL B 288 9.60 1.53 -26.74
CA VAL B 288 10.85 2.19 -27.13
C VAL B 288 10.86 2.62 -28.60
N GLN B 289 10.86 3.93 -28.83
CA GLN B 289 10.90 4.51 -30.18
C GLN B 289 9.68 4.23 -31.05
N VAL B 290 8.53 4.67 -30.58
CA VAL B 290 7.27 4.52 -31.32
C VAL B 290 6.76 5.95 -31.55
N PRO B 291 7.33 6.65 -32.54
CA PRO B 291 7.00 8.02 -32.91
C PRO B 291 5.51 8.36 -33.10
N ALA B 292 4.72 7.35 -33.46
CA ALA B 292 3.29 7.56 -33.70
C ALA B 292 2.49 7.83 -32.42
N MET B 293 2.93 7.28 -31.30
CA MET B 293 2.24 7.46 -30.04
C MET B 293 3.12 7.96 -28.89
N PRO B 294 3.21 9.29 -28.72
CA PRO B 294 4.01 9.89 -27.65
C PRO B 294 3.29 9.84 -26.28
N LYS B 295 4.08 9.79 -25.22
CA LYS B 295 3.54 9.71 -23.86
C LYS B 295 3.04 11.04 -23.31
N LEU B 296 1.82 11.03 -22.80
CA LEU B 296 1.23 12.23 -22.21
C LEU B 296 1.66 12.35 -20.74
N ARG B 297 1.99 13.57 -20.35
CA ARG B 297 2.40 13.84 -18.98
C ARG B 297 1.12 14.10 -18.19
N THR B 298 0.53 13.02 -17.65
CA THR B 298 -0.71 13.13 -16.89
C THR B 298 -0.50 13.70 -15.50
N GLU B 299 0.76 14.01 -15.18
CA GLU B 299 1.10 14.61 -13.89
C GLU B 299 0.82 16.11 -14.03
N ASN B 300 0.81 16.59 -15.26
CA ASN B 300 0.53 17.99 -15.56
C ASN B 300 -0.97 18.19 -15.41
N PRO B 301 -1.38 19.03 -14.45
CA PRO B 301 -2.82 19.27 -14.25
C PRO B 301 -3.64 19.58 -15.50
N GLU B 302 -3.06 20.28 -16.46
CA GLU B 302 -3.77 20.61 -17.71
C GLU B 302 -4.14 19.33 -18.44
N VAL B 303 -3.15 18.47 -18.63
CA VAL B 303 -3.39 17.20 -19.29
C VAL B 303 -4.46 16.44 -18.49
N LYS B 304 -4.26 16.40 -17.18
CA LYS B 304 -5.19 15.71 -16.30
C LYS B 304 -6.62 16.13 -16.59
N GLU B 305 -6.84 17.45 -16.65
CA GLU B 305 -8.17 17.99 -16.88
C GLU B 305 -8.72 17.72 -18.28
N TYR B 306 -7.86 17.72 -19.28
CA TYR B 306 -8.33 17.44 -20.63
C TYR B 306 -8.94 16.06 -20.62
N LEU B 307 -8.10 15.06 -20.34
CA LEU B 307 -8.50 13.67 -20.29
C LEU B 307 -9.80 13.43 -19.52
N PHE B 308 -9.95 14.08 -18.38
CA PHE B 308 -11.16 13.91 -17.58
C PHE B 308 -12.42 14.33 -18.34
N ASP B 309 -12.31 15.40 -19.15
CA ASP B 309 -13.44 15.87 -19.94
C ASP B 309 -13.76 14.84 -21.01
N VAL B 310 -12.72 14.27 -21.60
CA VAL B 310 -12.88 13.25 -22.62
C VAL B 310 -13.86 12.23 -22.06
N ALA B 311 -13.53 11.73 -20.86
CA ALA B 311 -14.34 10.74 -20.17
C ALA B 311 -15.74 11.28 -19.89
N ARG B 312 -15.81 12.52 -19.40
CA ARG B 312 -17.10 13.14 -19.11
C ARG B 312 -17.95 13.07 -20.37
N PHE B 313 -17.34 13.44 -21.50
CA PHE B 313 -18.04 13.43 -22.76
C PHE B 313 -18.58 12.05 -23.10
N TRP B 314 -17.71 11.06 -23.13
CA TRP B 314 -18.15 9.72 -23.47
C TRP B 314 -19.11 9.15 -22.45
N MET B 315 -18.98 9.56 -21.20
CA MET B 315 -19.89 9.05 -20.20
C MET B 315 -21.25 9.72 -20.31
N GLU B 316 -21.31 10.83 -21.05
CA GLU B 316 -22.58 11.53 -21.26
C GLU B 316 -23.31 10.78 -22.37
N GLN B 317 -22.56 10.05 -23.18
CA GLN B 317 -23.15 9.28 -24.26
C GLN B 317 -23.81 8.02 -23.67
N GLY B 318 -23.51 7.69 -22.43
CA GLY B 318 -24.12 6.53 -21.82
C GLY B 318 -23.29 5.26 -21.77
N ILE B 319 -21.98 5.36 -21.97
CA ILE B 319 -21.14 4.16 -21.91
C ILE B 319 -21.25 3.61 -20.48
N ASP B 320 -20.65 2.46 -20.21
CA ASP B 320 -20.75 1.87 -18.87
C ASP B 320 -19.44 1.63 -18.13
N GLY B 321 -18.32 2.04 -18.73
CA GLY B 321 -17.05 1.83 -18.08
C GLY B 321 -15.88 1.93 -19.02
N TRP B 322 -14.68 1.79 -18.48
CA TRP B 322 -13.47 1.88 -19.27
C TRP B 322 -12.46 0.78 -18.99
N ARG B 323 -11.71 0.40 -20.02
CA ARG B 323 -10.66 -0.59 -19.88
C ARG B 323 -9.45 0.32 -20.04
N LEU B 324 -8.59 0.35 -19.04
CA LEU B 324 -7.44 1.23 -19.13
C LEU B 324 -6.27 0.54 -19.79
N ASN B 325 -5.84 1.10 -20.90
CA ASN B 325 -4.73 0.56 -21.67
C ASN B 325 -3.38 1.10 -21.19
N VAL B 326 -2.46 0.19 -20.88
CA VAL B 326 -1.11 0.52 -20.38
C VAL B 326 -1.17 1.37 -19.11
N ALA B 327 -2.24 1.20 -18.34
CA ALA B 327 -2.51 1.95 -17.12
C ALA B 327 -1.43 2.01 -16.05
N ASN B 328 -0.58 0.98 -15.98
CA ASN B 328 0.46 0.95 -14.96
C ASN B 328 1.57 1.96 -15.15
N GLU B 329 1.48 2.77 -16.19
CA GLU B 329 2.51 3.79 -16.45
C GLU B 329 2.00 5.21 -16.24
N VAL B 330 0.82 5.31 -15.63
CA VAL B 330 0.18 6.58 -15.30
C VAL B 330 0.11 6.66 -13.78
N ASP B 331 0.52 7.80 -13.23
CA ASP B 331 0.56 8.04 -11.79
C ASP B 331 -0.73 7.71 -11.04
N HIS B 332 -0.57 7.25 -9.80
CA HIS B 332 -1.71 6.86 -8.96
C HIS B 332 -2.64 8.00 -8.62
N ALA B 333 -2.08 9.19 -8.43
CA ALA B 333 -2.89 10.33 -8.11
C ALA B 333 -3.93 10.46 -9.21
N PHE B 334 -3.47 10.31 -10.45
CA PHE B 334 -4.36 10.41 -11.60
C PHE B 334 -5.48 9.40 -11.50
N TRP B 335 -5.12 8.14 -11.27
CA TRP B 335 -6.11 7.09 -11.15
C TRP B 335 -7.02 7.24 -9.93
N ARG B 336 -6.49 7.76 -8.83
CA ARG B 336 -7.32 7.95 -7.65
C ARG B 336 -8.39 8.99 -7.95
N GLU B 337 -8.02 10.01 -8.72
CA GLU B 337 -8.96 11.07 -9.06
C GLU B 337 -9.88 10.66 -10.20
N PHE B 338 -9.35 9.85 -11.11
CA PHE B 338 -10.14 9.35 -12.23
C PHE B 338 -11.28 8.54 -11.65
N ARG B 339 -10.97 7.73 -10.65
CA ARG B 339 -11.99 6.91 -10.04
C ARG B 339 -13.09 7.74 -9.44
N ARG B 340 -12.69 8.76 -8.68
CA ARG B 340 -13.63 9.63 -8.01
C ARG B 340 -14.54 10.39 -9.00
N LEU B 341 -13.97 10.84 -10.12
CA LEU B 341 -14.76 11.55 -11.13
C LEU B 341 -15.73 10.57 -11.78
N VAL B 342 -15.18 9.52 -12.38
CA VAL B 342 -15.98 8.51 -13.04
C VAL B 342 -17.12 8.06 -12.14
N LYS B 343 -16.80 7.69 -10.91
CA LYS B 343 -17.84 7.20 -10.00
C LYS B 343 -18.83 8.30 -9.58
N SER B 344 -18.42 9.56 -9.70
CA SER B 344 -19.29 10.67 -9.34
C SER B 344 -20.36 10.79 -10.43
N LEU B 345 -19.92 10.66 -11.69
CA LEU B 345 -20.81 10.73 -12.83
C LEU B 345 -21.73 9.52 -12.82
N ASN B 346 -21.13 8.34 -12.84
CA ASN B 346 -21.90 7.10 -12.83
C ASN B 346 -21.29 6.05 -11.90
N PRO B 347 -21.91 5.88 -10.71
CA PRO B 347 -21.50 4.94 -9.67
C PRO B 347 -21.46 3.48 -10.12
N ASP B 348 -22.11 3.19 -11.24
CA ASP B 348 -22.12 1.81 -11.75
C ASP B 348 -21.18 1.65 -12.94
N ALA B 349 -20.33 2.64 -13.17
CA ALA B 349 -19.37 2.60 -14.26
C ALA B 349 -18.19 1.75 -13.78
N LEU B 350 -17.78 0.80 -14.61
CA LEU B 350 -16.68 -0.09 -14.25
C LEU B 350 -15.33 0.44 -14.70
N ILE B 351 -14.29 0.19 -13.92
CA ILE B 351 -12.93 0.61 -14.27
C ILE B 351 -12.00 -0.60 -14.24
N VAL B 352 -11.58 -1.06 -15.41
CA VAL B 352 -10.69 -2.22 -15.49
C VAL B 352 -9.32 -1.76 -15.91
N GLY B 353 -8.30 -2.33 -15.29
CA GLY B 353 -6.94 -1.95 -15.62
C GLY B 353 -6.25 -3.05 -16.39
N GLU B 354 -5.14 -2.69 -17.03
CA GLU B 354 -4.35 -3.62 -17.82
C GLU B 354 -2.89 -3.55 -17.40
N ILE B 355 -2.52 -4.38 -16.43
CA ILE B 355 -1.15 -4.42 -15.95
C ILE B 355 -0.63 -5.85 -16.12
N TRP B 356 0.61 -6.00 -16.57
CA TRP B 356 1.16 -7.33 -16.75
C TRP B 356 2.13 -7.79 -15.66
N HIS B 357 1.72 -7.60 -14.41
CA HIS B 357 2.48 -8.00 -13.22
C HIS B 357 1.64 -7.65 -12.00
N ASP B 358 2.06 -8.15 -10.83
CA ASP B 358 1.33 -7.90 -9.59
C ASP B 358 0.71 -6.50 -9.65
N ALA B 359 -0.61 -6.45 -9.61
CA ALA B 359 -1.30 -5.18 -9.68
C ALA B 359 -1.95 -4.76 -8.37
N SER B 360 -1.44 -5.28 -7.27
CA SER B 360 -1.96 -4.98 -5.94
C SER B 360 -1.93 -3.48 -5.57
N GLY B 361 -0.99 -2.76 -6.14
CA GLY B 361 -0.88 -1.33 -5.87
C GLY B 361 -2.06 -0.55 -6.40
N TRP B 362 -2.83 -1.14 -7.31
CA TRP B 362 -4.00 -0.48 -7.90
C TRP B 362 -5.30 -1.19 -7.56
N LEU B 363 -5.23 -2.25 -6.75
CA LEU B 363 -6.44 -2.98 -6.41
C LEU B 363 -6.82 -2.96 -4.93
N MET B 364 -6.65 -1.81 -4.30
CA MET B 364 -7.01 -1.67 -2.91
C MET B 364 -8.38 -1.02 -2.79
N GLY B 365 -8.93 -0.60 -3.93
CA GLY B 365 -10.27 -0.01 -3.92
C GLY B 365 -10.40 1.48 -4.13
N ASP B 366 -9.29 2.19 -4.32
CA ASP B 366 -9.34 3.62 -4.52
C ASP B 366 -8.96 3.99 -5.96
N GLN B 367 -8.75 2.98 -6.79
CA GLN B 367 -8.39 3.20 -8.18
C GLN B 367 -9.24 2.30 -9.09
N PHE B 368 -8.68 1.21 -9.59
CA PHE B 368 -9.44 0.32 -10.47
C PHE B 368 -10.34 -0.66 -9.74
N ASP B 369 -11.30 -1.23 -10.47
CA ASP B 369 -12.21 -2.23 -9.94
C ASP B 369 -11.64 -3.63 -10.20
N SER B 370 -10.78 -3.77 -11.22
CA SER B 370 -10.16 -5.06 -11.53
C SER B 370 -9.10 -4.91 -12.62
N VAL B 371 -8.60 -6.04 -13.12
CA VAL B 371 -7.62 -6.04 -14.22
C VAL B 371 -7.78 -7.29 -15.07
N MET B 372 -7.02 -7.40 -16.15
CA MET B 372 -7.09 -8.57 -17.00
C MET B 372 -6.35 -9.63 -16.21
N ASN B 373 -6.88 -10.85 -16.17
CA ASN B 373 -6.23 -11.91 -15.40
C ASN B 373 -5.21 -12.69 -16.23
N TYR B 374 -4.07 -12.08 -16.54
CA TYR B 374 -3.06 -12.76 -17.33
C TYR B 374 -2.56 -14.03 -16.64
N LEU B 375 -2.70 -14.10 -15.32
CA LEU B 375 -2.27 -15.30 -14.60
C LEU B 375 -3.23 -16.44 -14.93
N PHE B 376 -4.47 -16.06 -15.19
CA PHE B 376 -5.51 -17.01 -15.53
C PHE B 376 -5.26 -17.57 -16.94
N ARG B 377 -4.91 -16.70 -17.88
CA ARG B 377 -4.65 -17.17 -19.22
C ARG B 377 -3.45 -18.09 -19.23
N GLU B 378 -2.36 -17.63 -18.62
CA GLU B 378 -1.14 -18.42 -18.57
C GLU B 378 -1.39 -19.82 -18.02
N SER B 379 -2.25 -19.92 -17.00
CA SER B 379 -2.57 -21.20 -16.40
C SER B 379 -3.44 -22.10 -17.26
N VAL B 380 -4.36 -21.52 -18.03
CA VAL B 380 -5.22 -22.34 -18.87
C VAL B 380 -4.53 -22.68 -20.19
N ILE B 381 -3.57 -21.85 -20.60
CA ILE B 381 -2.85 -22.12 -21.85
C ILE B 381 -1.88 -23.27 -21.62
N ARG B 382 -1.35 -23.38 -20.41
CA ARG B 382 -0.41 -24.45 -20.14
C ARG B 382 -1.04 -25.69 -19.54
N PHE B 383 -2.34 -25.62 -19.27
CA PHE B 383 -3.01 -26.78 -18.70
C PHE B 383 -3.93 -27.49 -19.69
N PHE B 384 -4.61 -26.74 -20.52
CA PHE B 384 -5.53 -27.35 -21.49
C PHE B 384 -4.95 -27.40 -22.89
N ALA B 385 -4.11 -26.42 -23.23
CA ALA B 385 -3.54 -26.35 -24.57
C ALA B 385 -2.21 -27.08 -24.83
N THR B 386 -1.14 -26.66 -24.14
CA THR B 386 0.18 -27.25 -24.36
C THR B 386 0.55 -28.39 -23.43
N GLY B 387 -0.17 -28.55 -22.33
CA GLY B 387 0.14 -29.63 -21.42
C GLY B 387 1.46 -29.51 -20.66
N GLU B 388 2.01 -28.30 -20.59
CA GLU B 388 3.27 -28.10 -19.88
C GLU B 388 3.20 -28.37 -18.37
N ILE B 389 2.04 -28.12 -17.74
CA ILE B 389 1.88 -28.35 -16.31
C ILE B 389 0.77 -29.36 -16.06
N HIS B 390 0.80 -30.02 -14.90
CA HIS B 390 -0.25 -30.99 -14.58
C HIS B 390 -1.31 -30.40 -13.64
N ALA B 391 -2.28 -31.22 -13.25
CA ALA B 391 -3.37 -30.76 -12.40
C ALA B 391 -2.95 -30.16 -11.05
N GLU B 392 -1.89 -30.69 -10.44
CA GLU B 392 -1.45 -30.20 -9.14
C GLU B 392 -0.74 -28.85 -9.22
N ARG B 393 -0.04 -28.61 -10.33
CA ARG B 393 0.65 -27.36 -10.54
C ARG B 393 -0.40 -26.34 -11.00
N PHE B 394 -1.47 -26.83 -11.62
CA PHE B 394 -2.57 -25.98 -12.10
C PHE B 394 -3.21 -25.42 -10.85
N ASP B 395 -3.53 -26.30 -9.91
CA ASP B 395 -4.14 -25.91 -8.66
C ASP B 395 -3.27 -24.85 -7.95
N ALA B 396 -1.95 -25.07 -7.92
CA ALA B 396 -1.04 -24.14 -7.26
C ALA B 396 -1.09 -22.73 -7.85
N GLU B 397 -0.96 -22.66 -9.18
CA GLU B 397 -0.98 -21.40 -9.90
C GLU B 397 -2.29 -20.65 -9.72
N LEU B 398 -3.39 -21.38 -9.70
CA LEU B 398 -4.70 -20.76 -9.51
C LEU B 398 -4.77 -20.15 -8.12
N THR B 399 -4.55 -20.99 -7.11
CA THR B 399 -4.58 -20.56 -5.71
C THR B 399 -3.68 -19.35 -5.39
N ARG B 400 -2.42 -19.45 -5.75
CA ARG B 400 -1.47 -18.37 -5.48
C ARG B 400 -1.96 -17.05 -6.06
N ALA B 401 -2.50 -17.10 -7.27
CA ALA B 401 -3.00 -15.91 -7.93
C ALA B 401 -4.20 -15.34 -7.18
N ARG B 402 -5.08 -16.21 -6.72
CA ARG B 402 -6.29 -15.80 -6.00
C ARG B 402 -6.00 -15.06 -4.69
N MET B 403 -4.82 -15.28 -4.13
CA MET B 403 -4.46 -14.64 -2.87
C MET B 403 -3.72 -13.30 -3.02
N LEU B 404 -3.42 -12.92 -4.25
CA LEU B 404 -2.71 -11.66 -4.52
C LEU B 404 -3.48 -10.41 -4.15
N TYR B 405 -4.78 -10.41 -4.43
CA TYR B 405 -5.61 -9.24 -4.20
C TYR B 405 -6.78 -9.48 -3.28
N PRO B 406 -7.43 -8.40 -2.82
CA PRO B 406 -8.60 -8.51 -1.93
C PRO B 406 -9.76 -9.11 -2.72
N GLU B 407 -10.63 -9.84 -2.04
CA GLU B 407 -11.77 -10.49 -2.69
C GLU B 407 -12.62 -9.65 -3.63
N GLN B 408 -12.83 -8.37 -3.31
CA GLN B 408 -13.65 -7.52 -4.17
C GLN B 408 -13.07 -7.40 -5.57
N ALA B 409 -11.75 -7.44 -5.67
CA ALA B 409 -11.06 -7.36 -6.96
C ALA B 409 -10.96 -8.74 -7.58
N ALA B 410 -10.51 -9.70 -6.78
CA ALA B 410 -10.35 -11.07 -7.26
C ALA B 410 -11.61 -11.59 -7.86
N GLN B 411 -12.74 -11.13 -7.32
CA GLN B 411 -14.04 -11.58 -7.78
C GLN B 411 -14.44 -11.05 -9.15
N GLY B 412 -13.81 -9.96 -9.59
CA GLY B 412 -14.14 -9.38 -10.87
C GLY B 412 -13.03 -9.38 -11.91
N LEU B 413 -11.92 -10.06 -11.63
CA LEU B 413 -10.84 -10.11 -12.61
C LEU B 413 -11.35 -10.67 -13.95
N TRP B 414 -10.88 -10.09 -15.06
CA TRP B 414 -11.29 -10.53 -16.38
C TRP B 414 -10.50 -11.74 -16.86
N ASN B 415 -11.14 -12.90 -16.79
CA ASN B 415 -10.53 -14.17 -17.20
C ASN B 415 -10.60 -14.37 -18.70
N LEU B 416 -9.52 -14.03 -19.40
CA LEU B 416 -9.47 -14.15 -20.85
C LEU B 416 -8.70 -15.39 -21.27
N LEU B 417 -9.00 -15.89 -22.47
CA LEU B 417 -8.31 -17.04 -23.03
C LEU B 417 -7.28 -16.53 -24.03
N ASP B 418 -7.62 -15.41 -24.67
CA ASP B 418 -6.78 -14.77 -25.67
C ASP B 418 -7.34 -13.40 -26.06
N SER B 419 -6.59 -12.67 -26.87
CA SER B 419 -7.02 -11.35 -27.31
C SER B 419 -6.63 -11.10 -28.76
N HIS B 420 -6.55 -9.82 -29.11
CA HIS B 420 -6.18 -9.40 -30.45
C HIS B 420 -4.66 -9.28 -30.50
N ASN B 421 -4.00 -9.70 -29.43
CA ASN B 421 -2.55 -9.63 -29.37
C ASN B 421 -1.92 -11.00 -29.21
N THR B 422 -2.73 -12.05 -29.28
CA THR B 422 -2.22 -13.41 -29.15
C THR B 422 -2.86 -14.33 -30.17
N GLU B 423 -2.37 -15.56 -30.22
CA GLU B 423 -2.91 -16.55 -31.13
C GLU B 423 -4.30 -16.92 -30.59
N ARG B 424 -5.18 -17.43 -31.45
CA ARG B 424 -6.51 -17.84 -31.01
C ARG B 424 -6.30 -19.05 -30.10
N PHE B 425 -7.08 -19.16 -29.03
CA PHE B 425 -6.90 -20.28 -28.09
C PHE B 425 -7.09 -21.63 -28.75
N LEU B 426 -7.92 -21.68 -29.79
CA LEU B 426 -8.15 -22.94 -30.49
C LEU B 426 -6.85 -23.42 -31.12
N THR B 427 -6.05 -22.48 -31.61
CA THR B 427 -4.79 -22.81 -32.24
C THR B 427 -3.84 -23.34 -31.17
N SER B 428 -3.89 -22.72 -30.00
CA SER B 428 -3.07 -23.11 -28.88
C SER B 428 -3.31 -24.58 -28.56
N CYS B 429 -4.52 -25.06 -28.86
CA CYS B 429 -4.88 -26.45 -28.62
C CYS B 429 -4.59 -27.29 -29.86
N GLY B 430 -3.80 -26.73 -30.77
CA GLY B 430 -3.48 -27.45 -31.99
C GLY B 430 -4.74 -27.94 -32.68
N GLY B 431 -5.77 -27.10 -32.66
CA GLY B 431 -7.03 -27.45 -33.30
C GLY B 431 -7.85 -28.53 -32.62
N ASN B 432 -7.40 -29.00 -31.47
CA ASN B 432 -8.12 -30.03 -30.74
C ASN B 432 -9.32 -29.41 -30.04
N GLU B 433 -10.53 -29.61 -30.57
CA GLU B 433 -11.71 -29.01 -29.96
C GLU B 433 -12.14 -29.60 -28.62
N ALA B 434 -11.76 -30.83 -28.32
CA ALA B 434 -12.16 -31.41 -27.05
C ALA B 434 -11.45 -30.66 -25.93
N LYS B 435 -10.23 -30.21 -26.24
CA LYS B 435 -9.43 -29.46 -25.26
C LYS B 435 -9.96 -28.04 -25.10
N PHE B 436 -10.29 -27.41 -26.22
CA PHE B 436 -10.80 -26.05 -26.24
C PHE B 436 -12.07 -25.95 -25.39
N ARG B 437 -12.90 -26.99 -25.43
CA ARG B 437 -14.15 -26.98 -24.67
C ARG B 437 -13.99 -27.13 -23.17
N LEU B 438 -12.97 -27.86 -22.73
CA LEU B 438 -12.75 -28.03 -21.31
C LEU B 438 -12.29 -26.69 -20.77
N ALA B 439 -11.47 -26.00 -21.57
CA ALA B 439 -10.96 -24.70 -21.18
C ALA B 439 -12.11 -23.70 -21.04
N VAL B 440 -13.07 -23.74 -21.94
CA VAL B 440 -14.20 -22.81 -21.86
C VAL B 440 -15.10 -23.17 -20.68
N LEU B 441 -15.38 -24.46 -20.52
CA LEU B 441 -16.22 -24.93 -19.42
C LEU B 441 -15.68 -24.36 -18.10
N PHE B 442 -14.34 -24.35 -17.97
CA PHE B 442 -13.66 -23.85 -16.80
C PHE B 442 -13.89 -22.35 -16.70
N GLN B 443 -13.44 -21.62 -17.71
CA GLN B 443 -13.61 -20.18 -17.77
C GLN B 443 -15.03 -19.75 -17.41
N MET B 444 -16.02 -20.52 -17.85
CA MET B 444 -17.41 -20.17 -17.57
C MET B 444 -17.92 -20.61 -16.19
N THR B 445 -17.03 -21.20 -15.37
CA THR B 445 -17.41 -21.67 -14.03
C THR B 445 -16.45 -21.24 -12.94
N TYR B 446 -15.32 -20.63 -13.32
CA TYR B 446 -14.33 -20.20 -12.33
C TYR B 446 -14.66 -18.85 -11.73
N LEU B 447 -13.86 -18.44 -10.76
CA LEU B 447 -14.02 -17.17 -10.06
C LEU B 447 -13.51 -16.00 -10.88
N GLY B 448 -14.41 -15.09 -11.21
CA GLY B 448 -14.00 -13.93 -11.98
C GLY B 448 -14.95 -13.66 -13.11
N THR B 449 -14.58 -12.72 -13.97
CA THR B 449 -15.43 -12.38 -15.09
C THR B 449 -14.89 -12.92 -16.40
N PRO B 450 -15.69 -13.76 -17.08
CA PRO B 450 -15.32 -14.38 -18.36
C PRO B 450 -15.33 -13.40 -19.53
N LEU B 451 -14.23 -13.34 -20.28
CA LEU B 451 -14.11 -12.46 -21.44
C LEU B 451 -14.04 -13.32 -22.72
N ILE B 452 -14.97 -13.12 -23.65
CA ILE B 452 -14.95 -13.90 -24.89
C ILE B 452 -14.37 -13.08 -26.03
N TYR B 453 -13.43 -13.67 -26.76
CA TYR B 453 -12.82 -12.97 -27.90
C TYR B 453 -13.64 -13.27 -29.16
N TYR B 454 -14.33 -12.26 -29.67
CA TYR B 454 -15.19 -12.40 -30.84
C TYR B 454 -14.69 -13.49 -31.80
N GLY B 455 -15.57 -14.42 -32.10
CA GLY B 455 -15.22 -15.50 -33.00
C GLY B 455 -15.00 -16.83 -32.32
N ASP B 456 -14.32 -16.84 -31.18
CA ASP B 456 -14.07 -18.12 -30.50
C ASP B 456 -15.35 -18.92 -30.27
N GLU B 457 -16.50 -18.26 -30.27
CA GLU B 457 -17.77 -18.97 -30.02
C GLU B 457 -18.29 -19.75 -31.24
N ILE B 458 -17.72 -19.51 -32.41
CA ILE B 458 -18.15 -20.25 -33.60
C ILE B 458 -16.95 -20.91 -34.27
N GLY B 459 -15.91 -21.16 -33.47
CA GLY B 459 -14.73 -21.84 -33.97
C GLY B 459 -13.58 -21.13 -34.67
N MET B 460 -13.60 -19.81 -34.79
CA MET B 460 -12.49 -19.14 -35.48
C MET B 460 -11.10 -19.46 -34.91
N ALA B 461 -10.14 -19.63 -35.80
CA ALA B 461 -8.75 -19.93 -35.43
C ALA B 461 -7.76 -18.88 -35.95
N GLY B 462 -6.48 -19.16 -35.80
CA GLY B 462 -5.45 -18.24 -36.28
C GLY B 462 -4.25 -18.10 -35.36
N ALA B 463 -3.17 -17.53 -35.90
CA ALA B 463 -1.94 -17.32 -35.14
C ALA B 463 -1.93 -15.88 -34.64
N THR B 464 -0.92 -15.54 -33.83
CA THR B 464 -0.83 -14.20 -33.27
C THR B 464 -0.98 -13.12 -34.34
N ASP B 465 -1.11 -11.88 -33.88
CA ASP B 465 -1.25 -10.72 -34.76
C ASP B 465 -0.39 -10.90 -36.01
N PRO B 466 -0.98 -10.68 -37.20
CA PRO B 466 -2.36 -10.27 -37.44
C PRO B 466 -3.38 -11.38 -37.72
N ASP B 467 -2.93 -12.62 -37.84
CA ASP B 467 -3.83 -13.74 -38.13
C ASP B 467 -4.90 -14.04 -37.05
N CYS B 468 -4.88 -13.26 -35.97
CA CYS B 468 -5.85 -13.44 -34.89
C CYS B 468 -7.04 -12.53 -35.17
N ARG B 469 -6.78 -11.47 -35.93
CA ARG B 469 -7.80 -10.49 -36.28
C ARG B 469 -8.43 -10.77 -37.66
N ARG B 470 -8.65 -12.04 -37.98
CA ARG B 470 -9.28 -12.40 -39.25
C ARG B 470 -10.75 -12.02 -39.19
N PRO B 471 -11.32 -11.50 -40.30
CA PRO B 471 -12.72 -11.11 -40.26
C PRO B 471 -13.62 -12.20 -39.65
N MET B 472 -14.77 -11.77 -39.13
CA MET B 472 -15.71 -12.67 -38.49
C MET B 472 -16.42 -13.57 -39.51
N ILE B 473 -16.72 -14.80 -39.09
CA ILE B 473 -17.42 -15.77 -39.92
C ILE B 473 -18.92 -15.64 -39.65
N TRP B 474 -19.68 -15.08 -40.58
CA TRP B 474 -21.11 -14.94 -40.34
C TRP B 474 -21.96 -16.00 -41.04
N GLU B 475 -21.40 -16.60 -42.09
CA GLU B 475 -22.09 -17.65 -42.84
C GLU B 475 -22.33 -18.86 -41.93
N GLU B 476 -23.57 -19.02 -41.49
CA GLU B 476 -23.92 -20.12 -40.60
C GLU B 476 -23.38 -21.46 -41.03
N LYS B 477 -23.14 -21.59 -42.33
CA LYS B 477 -22.59 -22.82 -42.90
C LYS B 477 -21.15 -23.02 -42.44
N GLU B 478 -20.44 -21.91 -42.27
CA GLU B 478 -19.04 -21.90 -41.85
C GLU B 478 -18.86 -21.72 -40.34
N GLN B 479 -19.97 -21.66 -39.60
CA GLN B 479 -19.90 -21.48 -38.16
C GLN B 479 -20.04 -22.81 -37.41
N ASN B 480 -19.18 -23.01 -36.40
CA ASN B 480 -19.21 -24.21 -35.58
C ASN B 480 -20.38 -24.01 -34.61
N ARG B 481 -21.59 -24.04 -35.13
CA ARG B 481 -22.78 -23.86 -34.32
C ARG B 481 -22.83 -24.87 -33.17
N GLY B 482 -22.03 -25.94 -33.27
CA GLY B 482 -22.00 -26.93 -32.22
C GLY B 482 -21.37 -26.31 -30.98
N LEU B 483 -20.31 -25.55 -31.22
CA LEU B 483 -19.60 -24.85 -30.15
C LEU B 483 -20.51 -23.74 -29.63
N PHE B 484 -21.04 -22.94 -30.55
CA PHE B 484 -21.92 -21.83 -30.22
C PHE B 484 -23.04 -22.17 -29.24
N GLU B 485 -23.63 -23.35 -29.38
CA GLU B 485 -24.70 -23.77 -28.48
C GLU B 485 -24.14 -24.15 -27.12
N PHE B 486 -22.92 -24.68 -27.14
CA PHE B 486 -22.21 -25.10 -25.93
C PHE B 486 -21.95 -23.87 -25.06
N TYR B 487 -21.46 -22.81 -25.70
CA TYR B 487 -21.19 -21.55 -25.02
C TYR B 487 -22.48 -21.09 -24.37
N LYS B 488 -23.53 -21.01 -25.17
CA LYS B 488 -24.82 -20.57 -24.69
C LYS B 488 -25.27 -21.32 -23.43
N GLU B 489 -25.22 -22.65 -23.44
CA GLU B 489 -25.64 -23.44 -22.28
C GLU B 489 -24.79 -23.12 -21.04
N LEU B 490 -23.49 -22.90 -21.23
CA LEU B 490 -22.60 -22.57 -20.12
C LEU B 490 -22.95 -21.19 -19.56
N ILE B 491 -23.10 -20.20 -20.46
CA ILE B 491 -23.44 -18.83 -20.07
C ILE B 491 -24.75 -18.84 -19.29
N ARG B 492 -25.69 -19.64 -19.75
CA ARG B 492 -26.99 -19.77 -19.13
C ARG B 492 -26.86 -20.25 -17.69
N LEU B 493 -26.16 -21.37 -17.50
CA LEU B 493 -25.95 -21.94 -16.18
C LEU B 493 -25.29 -20.92 -15.28
N ARG B 494 -24.25 -20.28 -15.79
CA ARG B 494 -23.55 -19.29 -14.98
C ARG B 494 -24.55 -18.30 -14.38
N HIS B 495 -25.46 -17.78 -15.19
CA HIS B 495 -26.44 -16.83 -14.69
C HIS B 495 -27.54 -17.40 -13.81
N ARG B 496 -27.72 -18.73 -13.85
CA ARG B 496 -28.76 -19.35 -13.03
C ARG B 496 -28.24 -19.85 -11.70
N LEU B 497 -26.93 -20.13 -11.64
CA LEU B 497 -26.29 -20.61 -10.40
C LEU B 497 -25.45 -19.48 -9.79
N ALA B 498 -25.88 -19.02 -8.62
CA ALA B 498 -25.22 -17.92 -7.92
C ALA B 498 -23.80 -18.21 -7.49
N SER B 499 -23.51 -19.45 -7.11
CA SER B 499 -22.16 -19.78 -6.68
C SER B 499 -21.14 -19.58 -7.80
N LEU B 500 -21.59 -19.63 -9.05
CA LEU B 500 -20.69 -19.47 -10.19
C LEU B 500 -20.35 -18.02 -10.46
N THR B 501 -21.12 -17.10 -9.90
CA THR B 501 -20.86 -15.68 -10.09
C THR B 501 -20.41 -14.98 -8.83
N ARG B 502 -21.09 -15.25 -7.73
CA ARG B 502 -20.75 -14.59 -6.49
C ARG B 502 -20.24 -15.51 -5.40
N GLY B 503 -19.93 -16.75 -5.75
CA GLY B 503 -19.44 -17.68 -4.74
C GLY B 503 -17.93 -17.69 -4.65
N ASN B 504 -17.40 -18.37 -3.64
CA ASN B 504 -15.95 -18.46 -3.47
C ASN B 504 -15.42 -19.68 -4.21
N VAL B 505 -14.16 -20.03 -3.98
CA VAL B 505 -13.54 -21.16 -4.64
C VAL B 505 -12.65 -21.92 -3.71
N ARG B 506 -12.77 -23.24 -3.73
CA ARG B 506 -11.95 -24.09 -2.88
C ARG B 506 -11.53 -25.32 -3.65
N SER B 507 -10.23 -25.59 -3.73
CA SER B 507 -9.75 -26.77 -4.43
C SER B 507 -10.41 -28.01 -3.83
N TRP B 508 -10.89 -28.90 -4.70
CA TRP B 508 -11.61 -30.09 -4.26
C TRP B 508 -10.83 -31.37 -4.51
N HIS B 509 -10.08 -31.41 -5.60
CA HIS B 509 -9.29 -32.57 -5.95
C HIS B 509 -8.30 -32.25 -7.09
N ALA B 510 -7.05 -32.63 -6.90
CA ALA B 510 -6.01 -32.40 -7.91
C ALA B 510 -5.03 -33.58 -7.92
N ASP B 511 -5.01 -34.31 -9.02
CA ASP B 511 -4.15 -35.49 -9.15
C ASP B 511 -3.20 -35.38 -10.33
N LYS B 512 -1.90 -35.22 -10.04
CA LYS B 512 -0.90 -35.09 -11.09
C LYS B 512 -0.81 -36.33 -11.98
N GLN B 513 -1.10 -37.50 -11.43
CA GLN B 513 -1.05 -38.72 -12.22
C GLN B 513 -2.19 -38.80 -13.27
N ALA B 514 -3.43 -38.80 -12.81
CA ALA B 514 -4.61 -38.87 -13.69
C ALA B 514 -4.90 -37.55 -14.40
N ASN B 515 -4.21 -36.49 -13.96
CA ASN B 515 -4.35 -35.13 -14.48
C ASN B 515 -5.80 -34.68 -14.43
N LEU B 516 -6.39 -34.88 -13.26
CA LEU B 516 -7.77 -34.51 -13.04
C LEU B 516 -7.78 -33.37 -12.01
N TYR B 517 -8.65 -32.39 -12.22
CA TYR B 517 -8.76 -31.26 -11.31
C TYR B 517 -10.20 -30.88 -10.99
N ALA B 518 -10.54 -30.85 -9.70
CA ALA B 518 -11.88 -30.50 -9.25
C ALA B 518 -11.89 -29.37 -8.23
N PHE B 519 -12.90 -28.49 -8.35
CA PHE B 519 -13.06 -27.34 -7.43
C PHE B 519 -14.53 -27.09 -7.10
N VAL B 520 -14.79 -26.43 -5.97
CA VAL B 520 -16.16 -26.16 -5.55
C VAL B 520 -16.44 -24.68 -5.32
N ARG B 521 -17.48 -24.17 -5.98
CA ARG B 521 -17.86 -22.77 -5.82
C ARG B 521 -18.97 -22.74 -4.78
N THR B 522 -18.93 -21.78 -3.87
CA THR B 522 -19.95 -21.72 -2.82
C THR B 522 -20.47 -20.35 -2.38
N VAL B 523 -21.76 -20.33 -2.05
CA VAL B 523 -22.45 -19.15 -1.53
C VAL B 523 -23.66 -19.70 -0.79
N GLN B 524 -23.83 -19.26 0.45
CA GLN B 524 -24.93 -19.75 1.26
C GLN B 524 -24.83 -21.26 1.28
N ASP B 525 -25.96 -21.94 1.13
CA ASP B 525 -25.94 -23.39 1.14
C ASP B 525 -25.82 -24.02 -0.23
N GLN B 526 -25.57 -23.21 -1.25
CA GLN B 526 -25.41 -23.72 -2.60
C GLN B 526 -23.97 -24.15 -2.84
N HIS B 527 -23.79 -25.30 -3.48
CA HIS B 527 -22.45 -25.82 -3.80
C HIS B 527 -22.45 -26.32 -5.22
N VAL B 528 -21.46 -25.91 -6.00
CA VAL B 528 -21.34 -26.39 -7.36
C VAL B 528 -19.91 -26.85 -7.58
N GLY B 529 -19.73 -28.17 -7.63
CA GLY B 529 -18.42 -28.74 -7.84
C GLY B 529 -18.18 -28.96 -9.31
N VAL B 530 -17.07 -28.43 -9.81
CA VAL B 530 -16.69 -28.58 -11.20
C VAL B 530 -15.55 -29.60 -11.31
N VAL B 531 -15.83 -30.70 -12.00
CA VAL B 531 -14.86 -31.79 -12.17
C VAL B 531 -14.30 -31.83 -13.61
N LEU B 532 -12.98 -31.73 -13.73
CA LEU B 532 -12.34 -31.73 -15.03
C LEU B 532 -11.41 -32.90 -15.28
N ASN B 533 -11.64 -33.63 -16.37
CA ASN B 533 -10.80 -34.77 -16.75
C ASN B 533 -9.92 -34.37 -17.92
N ASN B 534 -8.86 -33.62 -17.61
CA ASN B 534 -7.94 -33.14 -18.63
C ASN B 534 -7.00 -34.26 -19.08
N ARG B 535 -7.56 -35.31 -19.66
CA ARG B 535 -6.79 -36.45 -20.14
C ARG B 535 -7.57 -37.13 -21.27
N GLY B 536 -6.84 -37.68 -22.25
CA GLY B 536 -7.48 -38.33 -23.38
C GLY B 536 -8.17 -39.65 -23.06
N GLU B 537 -7.89 -40.20 -21.90
CA GLU B 537 -8.47 -41.46 -21.48
C GLU B 537 -9.80 -41.27 -20.77
N LYS B 538 -10.58 -42.34 -20.71
CA LYS B 538 -11.87 -42.34 -20.02
C LYS B 538 -11.40 -42.65 -18.61
N GLN B 539 -11.85 -41.90 -17.61
CA GLN B 539 -11.36 -42.15 -16.25
C GLN B 539 -12.37 -42.17 -15.12
N THR B 540 -11.95 -42.74 -13.99
CA THR B 540 -12.78 -42.80 -12.80
C THR B 540 -12.07 -42.06 -11.68
N VAL B 541 -12.83 -41.65 -10.67
CA VAL B 541 -12.26 -40.91 -9.56
C VAL B 541 -13.19 -40.90 -8.36
N LEU B 542 -12.60 -40.96 -7.18
CA LEU B 542 -13.33 -40.96 -5.93
C LEU B 542 -13.16 -39.56 -5.35
N LEU B 543 -14.25 -38.95 -4.91
CA LEU B 543 -14.18 -37.60 -4.34
C LEU B 543 -14.76 -37.48 -2.95
N GLN B 544 -13.98 -36.90 -2.05
CA GLN B 544 -14.40 -36.68 -0.67
C GLN B 544 -15.55 -35.70 -0.68
N VAL B 545 -16.60 -35.99 0.07
CA VAL B 545 -17.77 -35.11 0.16
C VAL B 545 -18.60 -35.32 1.41
N PRO B 546 -18.37 -34.49 2.43
CA PRO B 546 -19.10 -34.59 3.70
C PRO B 546 -20.59 -34.50 3.48
N GLU B 547 -21.35 -35.20 4.32
CA GLU B 547 -22.80 -35.20 4.22
C GLU B 547 -23.35 -33.81 4.55
N SER B 548 -22.46 -32.92 4.95
CA SER B 548 -22.85 -31.55 5.29
C SER B 548 -23.28 -30.81 4.03
N GLY B 549 -22.39 -30.77 3.04
CA GLY B 549 -22.69 -30.08 1.80
C GLY B 549 -23.81 -30.71 0.98
N GLY B 550 -24.11 -31.98 1.25
CA GLY B 550 -25.16 -32.67 0.53
C GLY B 550 -24.81 -34.11 0.21
N LYS B 551 -25.84 -34.94 -0.01
CA LYS B 551 -25.65 -36.35 -0.33
C LYS B 551 -25.95 -36.71 -1.78
N THR B 552 -26.26 -35.72 -2.59
CA THR B 552 -26.57 -35.97 -4.00
C THR B 552 -26.44 -34.71 -4.84
N TRP B 553 -25.91 -34.87 -6.05
CA TRP B 553 -25.72 -33.74 -6.95
C TRP B 553 -26.30 -34.04 -8.34
N LEU B 554 -26.47 -33.00 -9.14
CA LEU B 554 -27.00 -33.15 -10.50
C LEU B 554 -26.02 -32.51 -11.46
N ASP B 555 -25.65 -33.25 -12.51
CA ASP B 555 -24.74 -32.75 -13.52
C ASP B 555 -25.57 -31.88 -14.45
N CYS B 556 -25.43 -30.57 -14.29
CA CYS B 556 -26.19 -29.60 -15.06
C CYS B 556 -26.02 -29.66 -16.57
N LEU B 557 -24.99 -30.36 -17.03
CA LEU B 557 -24.76 -30.48 -18.46
C LEU B 557 -25.35 -31.72 -19.11
N THR B 558 -25.79 -32.68 -18.30
CA THR B 558 -26.33 -33.91 -18.85
C THR B 558 -27.58 -34.42 -18.14
N GLY B 559 -27.97 -33.77 -17.04
CA GLY B 559 -29.15 -34.22 -16.32
C GLY B 559 -28.85 -35.45 -15.48
N GLU B 560 -27.63 -35.94 -15.59
CA GLU B 560 -27.18 -37.11 -14.85
C GLU B 560 -27.28 -36.87 -13.35
N GLU B 561 -27.69 -37.90 -12.63
CA GLU B 561 -27.81 -37.81 -11.18
C GLU B 561 -26.76 -38.72 -10.58
N VAL B 562 -26.17 -38.30 -9.47
CA VAL B 562 -25.15 -39.10 -8.82
C VAL B 562 -25.20 -38.88 -7.31
N HIS B 563 -25.23 -39.97 -6.56
CA HIS B 563 -25.31 -39.87 -5.12
C HIS B 563 -24.00 -40.28 -4.44
N GLY B 564 -23.82 -39.80 -3.22
CA GLY B 564 -22.62 -40.12 -2.49
C GLY B 564 -22.90 -41.10 -1.38
N LYS B 565 -22.04 -42.10 -1.24
CA LYS B 565 -22.21 -43.08 -0.20
C LYS B 565 -21.10 -42.96 0.84
N GLN B 566 -21.48 -42.65 2.07
CA GLN B 566 -20.54 -42.50 3.16
C GLN B 566 -19.44 -41.47 2.89
N GLY B 567 -19.84 -40.29 2.45
CA GLY B 567 -18.87 -39.23 2.19
C GLY B 567 -18.05 -39.39 0.92
N GLN B 568 -18.20 -40.51 0.24
CA GLN B 568 -17.47 -40.75 -0.99
C GLN B 568 -18.37 -40.53 -2.20
N LEU B 569 -17.79 -40.04 -3.29
CA LEU B 569 -18.55 -39.79 -4.50
C LEU B 569 -17.77 -40.34 -5.69
N LYS B 570 -18.25 -41.46 -6.24
CA LYS B 570 -17.57 -42.07 -7.38
C LYS B 570 -18.07 -41.46 -8.69
N LEU B 571 -17.13 -41.02 -9.52
CA LEU B 571 -17.46 -40.42 -10.81
C LEU B 571 -16.66 -41.07 -11.94
N THR B 572 -17.25 -41.10 -13.12
CA THR B 572 -16.60 -41.66 -14.30
C THR B 572 -16.79 -40.64 -15.41
N LEU B 573 -15.70 -39.96 -15.74
CA LEU B 573 -15.71 -38.93 -16.77
C LEU B 573 -15.25 -39.52 -18.08
N ARG B 574 -15.52 -38.81 -19.16
CA ARG B 574 -15.10 -39.26 -20.47
C ARG B 574 -13.96 -38.35 -20.93
N PRO B 575 -13.18 -38.79 -21.92
CA PRO B 575 -12.07 -37.99 -22.41
C PRO B 575 -12.36 -36.50 -22.54
N TYR B 576 -11.69 -35.70 -21.72
CA TYR B 576 -11.83 -34.25 -21.73
C TYR B 576 -13.23 -33.80 -21.32
N GLN B 577 -13.94 -34.65 -20.59
CA GLN B 577 -15.28 -34.29 -20.14
C GLN B 577 -15.21 -33.38 -18.91
N GLY B 578 -16.28 -32.66 -18.67
CA GLY B 578 -16.33 -31.78 -17.52
C GLY B 578 -17.72 -31.87 -16.94
N MET B 579 -17.81 -31.97 -15.62
CA MET B 579 -19.11 -32.05 -14.97
C MET B 579 -19.33 -30.82 -14.10
N ILE B 580 -20.58 -30.39 -14.00
CA ILE B 580 -20.92 -29.24 -13.19
C ILE B 580 -22.00 -29.74 -12.24
N LEU B 581 -21.56 -30.35 -11.15
CA LEU B 581 -22.46 -30.92 -10.16
C LEU B 581 -23.05 -29.86 -9.24
N TRP B 582 -24.38 -29.79 -9.19
CA TRP B 582 -25.08 -28.83 -8.36
C TRP B 582 -25.73 -29.56 -7.18
N ASN B 583 -25.55 -29.05 -5.96
CA ASN B 583 -26.09 -29.72 -4.78
C ASN B 583 -27.58 -29.53 -4.49
N GLY B 584 -28.30 -28.85 -5.37
CA GLY B 584 -29.73 -28.66 -5.17
C GLY B 584 -30.17 -27.45 -4.37
N ARG B 585 -29.24 -26.84 -3.63
CA ARG B 585 -29.57 -25.67 -2.82
C ARG B 585 -29.21 -24.40 -3.59
C1 GLC C . -2.96 2.18 25.59
C2 GLC C . -1.51 2.63 25.56
C3 GLC C . -1.40 4.06 25.03
C4 GLC C . -2.18 4.28 23.73
C5 GLC C . -3.60 3.75 23.86
C6 GLC C . -4.32 3.76 22.54
O2 GLC C . -1.01 2.59 26.88
O3 GLC C . -0.03 4.38 24.81
O4 GLC C . -2.22 5.68 23.43
O5 GLC C . -3.57 2.38 24.32
O6 GLC C . -3.82 2.78 21.66
C1 GLC C . -1.73 6.05 22.18
C2 GLC C . -0.60 7.07 22.34
C3 GLC C . -1.15 8.36 22.94
C4 GLC C . -2.32 8.91 22.11
C5 GLC C . -3.37 7.80 21.85
C6 GLC C . -4.37 8.22 20.80
O2 GLC C . 0.39 6.53 23.20
O3 GLC C . -0.11 9.33 22.98
O4 GLC C . -2.93 9.99 22.84
O5 GLC C . -2.74 6.60 21.35
O6 GLC C . -3.71 8.60 19.60
C1 GLC C . -3.04 11.23 22.19
C2 GLC C . -2.29 12.30 22.99
C3 GLC C . -2.93 12.40 24.40
C4 GLC C . -4.43 12.69 24.29
C5 GLC C . -5.13 11.72 23.30
C6 GLC C . -6.55 12.14 22.96
O2 GLC C . -0.91 11.99 23.08
O3 GLC C . -2.30 13.41 25.17
O4 GLC C . -5.02 12.52 25.59
O5 GLC C . -4.40 11.63 22.05
O6 GLC C . -6.55 13.24 22.07
C1 GLC C . -5.84 13.56 26.05
C2 GLC C . -5.20 14.25 27.27
C3 GLC C . -5.19 13.30 28.47
C4 GLC C . -6.58 12.72 28.75
C5 GLC C . -7.19 12.14 27.46
C6 GLC C . -8.62 11.65 27.58
O2 GLC C . -3.86 14.63 26.96
O3 GLC C . -4.71 14.00 29.61
O4 GLC C . -6.45 11.67 29.73
O5 GLC C . -7.15 13.11 26.38
O6 GLC C . -9.40 12.53 28.38
C1 GLC C . -7.18 11.81 30.92
C2 GLC C . -6.37 11.27 32.11
C3 GLC C . -6.18 9.77 31.98
C4 GLC C . -7.52 9.05 31.82
C5 GLC C . -8.36 9.70 30.69
C6 GLC C . -9.78 9.19 30.60
O2 GLC C . -5.09 11.91 32.17
O3 GLC C . -5.51 9.26 33.12
O4 GLC C . -7.26 7.68 31.47
O5 GLC C . -8.44 11.13 30.86
O6 GLC C . -10.66 10.16 30.04
C1 GLC C . -7.88 6.70 32.24
C2 GLC C . -6.84 6.01 33.14
C3 GLC C . -5.85 5.23 32.27
C4 GLC C . -6.58 4.26 31.33
C5 GLC C . -7.67 4.99 30.54
C6 GLC C . -8.55 4.04 29.74
O2 GLC C . -6.13 6.98 33.89
O3 GLC C . -4.96 4.50 33.10
O4 GLC C . -5.63 3.71 30.41
O5 GLC C . -8.54 5.72 31.44
O6 GLC C . -9.91 4.38 29.86
C1 GLC C . -5.67 2.32 30.18
C2 GLC C . -4.23 1.79 30.15
C3 GLC C . -3.48 2.45 28.99
C4 GLC C . -4.20 2.15 27.67
C5 GLC C . -5.67 2.57 27.77
C6 GLC C . -6.49 2.16 26.56
O2 GLC C . -3.57 2.09 31.38
O3 GLC C . -2.14 1.98 28.96
O4 GLC C . -3.60 2.90 26.61
O5 GLC C . -6.31 2.00 28.94
O6 GLC C . -5.88 1.07 25.88
C1 GLC D . 0.95 -6.21 -22.08
C2 GLC D . -0.47 -6.56 -22.54
C3 GLC D . -0.80 -5.80 -23.81
C4 GLC D . -0.56 -4.29 -23.65
C5 GLC D . 0.81 -3.99 -23.01
C6 GLC D . 0.97 -2.55 -22.57
O2 GLC D . -0.58 -7.96 -22.78
O3 GLC D . -2.15 -6.05 -24.18
O4 GLC D . -0.63 -3.66 -24.95
O5 GLC D . 1.03 -4.81 -21.84
O6 GLC D . 0.24 -2.29 -21.38
C1 GLC D . -1.61 -2.66 -25.12
C2 GLC D . -2.80 -3.19 -25.93
C3 GLC D . -2.32 -3.58 -27.33
C4 GLC D . -1.66 -2.36 -28.01
C5 GLC D . -0.56 -1.77 -27.12
C6 GLC D . -0.02 -0.45 -27.64
O2 GLC D . -3.40 -4.31 -25.29
O3 GLC D . -3.41 -4.05 -28.11
O4 GLC D . -1.10 -2.80 -29.26
O5 GLC D . -1.06 -1.52 -25.79
O6 GLC D . -0.65 0.65 -27.01
C1 GLC D . -1.14 -1.88 -30.30
C2 GLC D . -1.54 -2.59 -31.60
C3 GLC D . -0.42 -3.50 -32.09
C4 GLC D . 0.93 -2.76 -32.15
C5 GLC D . 1.21 -2.04 -30.82
C6 GLC D . 2.46 -1.18 -30.83
O2 GLC D . -2.72 -3.36 -31.38
O3 GLC D . -0.74 -4.01 -33.38
O4 GLC D . 1.98 -3.71 -32.43
O5 GLC D . 0.10 -1.19 -30.48
O6 GLC D . 2.26 0.00 -31.61
C1 GLC D . 2.70 -3.51 -33.61
C2 GLC D . 3.05 -4.86 -34.26
C3 GLC D . 4.05 -5.63 -33.40
C4 GLC D . 5.28 -4.76 -33.07
C5 GLC D . 4.87 -3.38 -32.54
C6 GLC D . 6.05 -2.42 -32.45
O2 GLC D . 1.87 -5.64 -34.43
O3 GLC D . 4.45 -6.79 -34.10
O4 GLC D . 6.05 -5.44 -32.06
O5 GLC D . 3.89 -2.75 -33.41
O6 GLC D . 6.53 -2.30 -31.11
C1 GLC D . 7.36 -5.78 -32.43
C2 GLC D . 7.47 -7.31 -32.65
C3 GLC D . 7.48 -8.04 -31.31
C4 GLC D . 8.64 -7.52 -30.49
C5 GLC D . 8.40 -6.01 -30.23
C6 GLC D . 9.50 -5.36 -29.42
O2 GLC D . 6.38 -7.77 -33.44
O3 GLC D . 7.64 -9.45 -31.54
O4 GLC D . 8.81 -8.28 -29.27
O5 GLC D . 8.34 -5.30 -31.50
O6 GLC D . 10.75 -6.03 -29.60
C2 BGC D . 7.75 -9.41 -27.44
C3 BGC D . 6.71 -9.21 -26.33
C4 BGC D . 6.99 -7.97 -25.45
C5 BGC D . 7.40 -6.74 -26.29
C6 BGC D . 8.06 -5.65 -25.45
C1 BGC D . 7.92 -8.10 -28.21
O2 BGC D . 7.34 -10.44 -28.32
O3 BGC D . 6.69 -10.36 -25.51
O4 BGC D . 5.81 -7.63 -24.71
O5 BGC D . 8.36 -7.10 -27.31
O6 BGC D . 9.45 -5.89 -25.33
C1 GLC D . 5.77 -8.00 -23.35
C2 GLC D . 4.70 -9.07 -23.11
C3 GLC D . 3.33 -8.49 -23.42
C4 GLC D . 3.07 -7.23 -22.59
C5 GLC D . 4.24 -6.22 -22.72
C6 GLC D . 4.14 -5.07 -21.73
O2 GLC D . 4.95 -10.20 -23.94
O3 GLC D . 2.32 -9.46 -23.15
O4 GLC D . 1.86 -6.62 -23.06
O5 GLC D . 5.52 -6.87 -22.50
O6 GLC D . 4.89 -5.35 -20.56
CA CA E . -0.29 32.86 32.76
CA CA F . -17.78 -0.03 -43.14
#